data_3CWU
#
_entry.id   3CWU
#
_cell.length_a   74.938
_cell.length_b   100.742
_cell.length_c   102.978
_cell.angle_alpha   90.00
_cell.angle_beta   93.86
_cell.angle_gamma   90.00
#
_symmetry.space_group_name_H-M   'P 1 21 1'
#
loop_
_entity.id
_entity.type
_entity.pdbx_description
1 polymer 'DNA-3-methyladenine glycosylase 2'
2 polymer "DNA (5'-D(*DGP*DAP*DCP*DAP*DTP*DGP*DAP*(2FE)P*DTP*DGP*DCP*DC)-3')"
3 polymer "DNA (5'-D(*DGP*DGP*DCP*DAP*DTP*DTP*DCP*DAP*DTP*DGP*DTP*DC)-3')"
4 water water
#
loop_
_entity_poly.entity_id
_entity_poly.type
_entity_poly.pdbx_seq_one_letter_code
_entity_poly.pdbx_strand_id
1 'polypeptide(L)'
;MYTLNWQPPYDWSWMLGFLAARAVSSVETVADSYYARSLAVGEYRGVVTAIPDIARHTLHINLSAGLEPVAAECLAKMSR
LFDLQCNPQIVNGALGRLGAARPGLRLPGCVDAFEQGVRAILGQLVSVAMAAKLTARVAQLYGERLDDFPEYICFPTPQR
LAAADPQALKALGMPLKRAEALIHLANAALEGTLPMTIPGDVEQAMKTLQTFPGIGRWTANYFALRGWQAKDVFLPDDYL
IKQRFPGMTPAQIRRYAERWKPWRSYALLHIWYTEGWQPDEA
;
A,B,C,D
2 'polydeoxyribonucleotide' (DG)(DA)(DC)(DA)(DT)(DG)(DA)(2FE)(DT)(DG)(DC)(DC) E,G
3 'polydeoxyribonucleotide' (DG)(DG)(DC)(DA)(DT)(DT)(DC)(DA)(DT)(DG)(DT)(DC) F,H
#
# COMPACT_ATOMS: atom_id res chain seq x y z
N MET A 1 -7.81 31.96 38.88
CA MET A 1 -6.34 31.71 39.03
C MET A 1 -5.56 32.18 37.79
N TYR A 2 -5.16 31.26 36.91
CA TYR A 2 -4.45 31.65 35.69
C TYR A 2 -5.40 32.52 34.87
N THR A 3 -4.84 33.44 34.08
CA THR A 3 -5.71 34.28 33.26
C THR A 3 -5.14 34.52 31.87
N LEU A 4 -6.03 34.57 30.88
CA LEU A 4 -5.69 34.79 29.49
C LEU A 4 -6.50 35.94 28.93
N ASN A 5 -5.92 36.72 28.04
CA ASN A 5 -6.65 37.83 27.44
C ASN A 5 -7.26 37.48 26.09
N TRP A 6 -8.36 38.17 25.77
CA TRP A 6 -9.01 38.02 24.49
C TRP A 6 -9.34 39.45 24.03
N GLN A 7 -9.65 39.60 22.75
CA GLN A 7 -9.96 40.92 22.22
C GLN A 7 -11.46 41.08 21.95
N PRO A 8 -12.06 42.16 22.48
CA PRO A 8 -13.48 42.47 22.33
C PRO A 8 -13.88 42.77 20.88
N PRO A 9 -15.12 42.43 20.50
CA PRO A 9 -16.15 41.79 21.33
C PRO A 9 -16.05 40.27 21.37
N TYR A 10 -16.62 39.68 22.43
CA TYR A 10 -16.61 38.24 22.57
C TYR A 10 -17.99 37.77 23.02
N ASP A 11 -18.72 37.13 22.11
CA ASP A 11 -20.07 36.63 22.40
C ASP A 11 -19.94 35.36 23.21
N TRP A 12 -19.87 35.50 24.53
CA TRP A 12 -19.75 34.35 25.40
C TRP A 12 -21.03 33.57 25.50
N SER A 13 -22.15 34.27 25.39
CA SER A 13 -23.43 33.58 25.47
C SER A 13 -23.55 32.66 24.28
N TRP A 14 -23.20 33.18 23.10
CA TRP A 14 -23.26 32.37 21.89
C TRP A 14 -22.33 31.18 21.99
N MET A 15 -21.10 31.43 22.44
CA MET A 15 -20.09 30.39 22.58
C MET A 15 -20.50 29.36 23.62
N LEU A 16 -20.81 29.85 24.82
CA LEU A 16 -21.23 28.95 25.90
C LEU A 16 -22.49 28.19 25.49
N GLY A 17 -23.34 28.84 24.71
CA GLY A 17 -24.55 28.20 24.24
C GLY A 17 -24.20 27.07 23.29
N PHE A 18 -23.39 27.39 22.29
CA PHE A 18 -22.94 26.40 21.30
C PHE A 18 -22.36 25.18 22.01
N LEU A 19 -21.35 25.42 22.86
CA LEU A 19 -20.71 24.35 23.59
C LEU A 19 -21.70 23.53 24.43
N ALA A 20 -22.75 24.18 24.91
CA ALA A 20 -23.75 23.53 25.74
C ALA A 20 -24.71 22.61 24.98
N ALA A 21 -24.94 22.92 23.71
CA ALA A 21 -25.82 22.09 22.90
C ALA A 21 -25.11 20.79 22.55
N ARG A 22 -23.83 20.70 22.89
CA ARG A 22 -23.04 19.53 22.57
C ARG A 22 -22.33 18.99 23.79
N ALA A 23 -22.53 19.63 24.92
CA ALA A 23 -21.90 19.20 26.16
C ALA A 23 -22.14 17.70 26.33
N VAL A 24 -21.20 17.00 26.94
CA VAL A 24 -21.37 15.56 27.14
C VAL A 24 -21.55 15.24 28.62
N SER A 25 -22.62 14.49 28.88
CA SER A 25 -23.01 14.07 30.23
C SER A 25 -21.84 13.51 31.06
N SER A 26 -21.48 14.22 32.12
CA SER A 26 -20.41 13.83 33.03
C SER A 26 -18.97 14.12 32.56
N VAL A 27 -18.83 14.76 31.41
CA VAL A 27 -17.51 15.12 30.93
C VAL A 27 -17.41 16.64 30.94
N GLU A 28 -18.50 17.29 30.56
CA GLU A 28 -18.54 18.75 30.52
C GLU A 28 -19.67 19.29 31.39
N THR A 29 -19.50 20.54 31.81
CA THR A 29 -20.48 21.22 32.63
C THR A 29 -20.52 22.65 32.14
N VAL A 30 -21.62 23.04 31.51
CA VAL A 30 -21.72 24.41 31.00
C VAL A 30 -22.78 25.24 31.74
N ALA A 31 -22.36 26.44 32.18
CA ALA A 31 -23.23 27.38 32.89
C ALA A 31 -23.24 28.69 32.13
N ASP A 32 -24.06 29.63 32.57
CA ASP A 32 -24.12 30.92 31.88
C ASP A 32 -22.84 31.73 32.09
N SER A 33 -22.09 31.43 33.14
CA SER A 33 -20.88 32.18 33.45
C SER A 33 -19.56 31.39 33.47
N TYR A 34 -19.60 30.12 33.07
CA TYR A 34 -18.39 29.33 33.04
C TYR A 34 -18.60 27.99 32.39
N TYR A 35 -17.48 27.42 31.94
CA TYR A 35 -17.42 26.13 31.28
C TYR A 35 -16.49 25.31 32.15
N ALA A 36 -16.80 24.04 32.35
CA ALA A 36 -15.95 23.18 33.18
C ALA A 36 -15.98 21.74 32.67
N ARG A 37 -14.82 21.09 32.66
CA ARG A 37 -14.74 19.71 32.18
C ARG A 37 -13.53 18.95 32.70
N SER A 38 -13.59 17.63 32.49
CA SER A 38 -12.51 16.75 32.88
C SER A 38 -11.47 16.97 31.79
N LEU A 39 -10.24 16.57 32.07
CA LEU A 39 -9.19 16.78 31.10
C LEU A 39 -8.00 15.90 31.42
N ALA A 40 -7.41 15.33 30.36
CA ALA A 40 -6.25 14.47 30.49
C ALA A 40 -5.16 15.01 29.59
N VAL A 41 -3.92 14.87 30.05
CA VAL A 41 -2.75 15.33 29.32
C VAL A 41 -1.67 14.32 29.70
N GLY A 42 -1.69 13.17 29.04
CA GLY A 42 -0.75 12.12 29.38
C GLY A 42 -1.34 11.46 30.60
N GLU A 43 -0.53 11.21 31.63
CA GLU A 43 -1.10 10.59 32.81
C GLU A 43 -1.66 11.61 33.77
N TYR A 44 -1.44 12.88 33.48
CA TYR A 44 -1.89 13.97 34.33
C TYR A 44 -3.37 14.29 34.13
N ARG A 45 -4.08 14.59 35.24
CA ARG A 45 -5.51 14.92 35.14
C ARG A 45 -6.15 15.67 36.29
N GLY A 46 -7.35 16.13 36.03
CA GLY A 46 -8.12 16.87 37.00
C GLY A 46 -9.24 17.57 36.26
N VAL A 47 -9.64 18.73 36.77
CA VAL A 47 -10.72 19.50 36.17
C VAL A 47 -10.28 20.91 35.82
N VAL A 48 -10.80 21.41 34.71
CA VAL A 48 -10.49 22.75 34.24
C VAL A 48 -11.77 23.56 34.29
N THR A 49 -11.68 24.74 34.92
CA THR A 49 -12.81 25.65 35.05
C THR A 49 -12.40 26.94 34.40
N ALA A 50 -13.23 27.45 33.48
CA ALA A 50 -12.95 28.70 32.79
C ALA A 50 -14.06 29.70 33.07
N ILE A 51 -13.67 30.88 33.54
CA ILE A 51 -14.63 31.91 33.87
C ILE A 51 -14.29 33.21 33.18
N PRO A 52 -15.17 33.67 32.29
CA PRO A 52 -14.92 34.91 31.56
C PRO A 52 -15.08 36.15 32.46
N ASP A 53 -14.34 37.20 32.12
CA ASP A 53 -14.42 38.47 32.84
C ASP A 53 -14.69 39.49 31.74
N ILE A 54 -15.98 39.61 31.42
CA ILE A 54 -16.47 40.52 30.41
C ILE A 54 -15.89 41.90 30.66
N ALA A 55 -15.80 42.24 31.94
CA ALA A 55 -15.29 43.52 32.36
C ALA A 55 -13.84 43.78 31.91
N ARG A 56 -12.94 42.85 32.24
CA ARG A 56 -11.54 43.02 31.89
C ARG A 56 -11.17 42.22 30.64
N HIS A 57 -12.17 41.84 29.85
CA HIS A 57 -11.96 41.01 28.66
C HIS A 57 -10.82 40.01 28.92
N THR A 58 -10.99 39.28 30.04
CA THR A 58 -10.06 38.28 30.51
C THR A 58 -10.75 36.96 30.80
N LEU A 59 -9.99 35.87 30.70
CA LEU A 59 -10.51 34.53 30.95
C LEU A 59 -9.68 33.90 32.04
N HIS A 60 -10.33 33.57 33.15
CA HIS A 60 -9.66 32.97 34.28
C HIS A 60 -9.76 31.46 34.19
N ILE A 61 -8.65 30.79 34.44
CA ILE A 61 -8.65 29.33 34.36
C ILE A 61 -8.14 28.69 35.64
N ASN A 62 -8.92 27.77 36.18
CA ASN A 62 -8.56 27.08 37.40
C ASN A 62 -8.30 25.60 37.12
N LEU A 63 -7.18 25.09 37.60
CA LEU A 63 -6.86 23.68 37.38
C LEU A 63 -6.81 22.96 38.72
N SER A 64 -7.28 21.72 38.77
CA SER A 64 -7.22 20.95 40.00
C SER A 64 -5.77 20.53 40.10
N ALA A 65 -5.29 20.27 41.32
CA ALA A 65 -3.92 19.87 41.53
C ALA A 65 -3.41 18.82 40.56
N GLY A 66 -4.24 17.86 40.20
CA GLY A 66 -3.80 16.83 39.29
C GLY A 66 -3.25 17.30 37.94
N LEU A 67 -3.70 18.48 37.49
CA LEU A 67 -3.29 19.05 36.20
C LEU A 67 -2.18 20.11 36.27
N GLU A 68 -1.91 20.60 37.47
CA GLU A 68 -0.90 21.62 37.66
C GLU A 68 0.45 21.37 36.93
N PRO A 69 1.00 20.15 37.01
CA PRO A 69 2.28 19.87 36.33
C PRO A 69 2.27 20.19 34.85
N VAL A 70 1.08 20.30 34.28
CA VAL A 70 0.97 20.61 32.86
C VAL A 70 0.12 21.84 32.63
N ALA A 71 -0.02 22.66 33.66
CA ALA A 71 -0.81 23.88 33.57
C ALA A 71 -0.77 24.51 32.17
N ALA A 72 0.43 24.82 31.69
CA ALA A 72 0.61 25.46 30.38
C ALA A 72 -0.15 24.84 29.24
N GLU A 73 -0.01 23.53 29.06
CA GLU A 73 -0.69 22.83 27.97
C GLU A 73 -2.18 23.00 28.19
N CYS A 74 -2.60 22.92 29.44
CA CYS A 74 -4.02 23.07 29.74
C CYS A 74 -4.47 24.42 29.19
N LEU A 75 -3.74 25.46 29.54
CA LEU A 75 -4.07 26.79 29.07
C LEU A 75 -4.12 26.81 27.54
N ALA A 76 -3.14 26.20 26.88
CA ALA A 76 -3.12 26.19 25.42
C ALA A 76 -4.40 25.55 24.86
N LYS A 77 -4.83 24.45 25.48
CA LYS A 77 -6.03 23.76 25.03
C LYS A 77 -7.24 24.69 25.12
N MET A 78 -7.38 25.35 26.26
CA MET A 78 -8.49 26.28 26.45
C MET A 78 -8.48 27.37 25.41
N SER A 79 -7.31 27.96 25.16
CA SER A 79 -7.23 29.07 24.20
C SER A 79 -7.61 28.64 22.79
N ARG A 80 -7.35 27.37 22.49
CA ARG A 80 -7.69 26.82 21.20
C ARG A 80 -9.18 26.55 21.13
N LEU A 81 -9.74 26.09 22.25
CA LEU A 81 -11.16 25.83 22.33
C LEU A 81 -11.91 27.15 22.10
N PHE A 82 -11.59 28.14 22.92
CA PHE A 82 -12.23 29.46 22.86
C PHE A 82 -11.86 30.44 21.76
N ASP A 83 -10.75 30.21 21.06
CA ASP A 83 -10.39 31.07 19.95
C ASP A 83 -9.99 32.48 20.39
N LEU A 84 -9.34 32.55 21.54
CA LEU A 84 -8.90 33.82 22.10
C LEU A 84 -8.10 34.61 21.09
N GLN A 85 -7.27 33.90 20.32
CA GLN A 85 -6.41 34.48 19.30
C GLN A 85 -7.16 35.35 18.32
N CYS A 86 -8.42 35.03 18.12
CA CYS A 86 -9.23 35.77 17.16
C CYS A 86 -9.24 37.27 17.35
N ASN A 87 -9.00 37.95 16.24
CA ASN A 87 -9.03 39.40 16.20
C ASN A 87 -10.36 39.69 15.51
N PRO A 88 -11.43 39.81 16.29
CA PRO A 88 -12.77 40.07 15.75
C PRO A 88 -12.96 41.05 14.59
N GLN A 89 -12.28 42.18 14.59
CA GLN A 89 -12.50 43.10 13.49
C GLN A 89 -11.62 42.94 12.24
N ILE A 90 -10.75 41.94 12.23
CA ILE A 90 -9.94 41.67 11.04
C ILE A 90 -10.90 40.76 10.27
N VAL A 91 -11.49 39.83 11.01
CA VAL A 91 -12.44 38.87 10.47
C VAL A 91 -13.71 39.57 9.96
N ASN A 92 -14.40 40.27 10.85
CA ASN A 92 -15.63 40.96 10.49
C ASN A 92 -15.42 41.92 9.32
N GLY A 93 -14.27 42.57 9.28
CA GLY A 93 -13.98 43.50 8.21
C GLY A 93 -14.07 42.86 6.84
N ALA A 94 -13.77 41.57 6.76
CA ALA A 94 -13.81 40.86 5.50
C ALA A 94 -15.14 40.11 5.27
N LEU A 95 -15.99 40.10 6.29
CA LEU A 95 -17.29 39.41 6.18
C LEU A 95 -18.47 40.36 6.06
N GLY A 96 -18.19 41.64 5.87
CA GLY A 96 -19.25 42.62 5.73
C GLY A 96 -20.43 42.36 6.64
N ARG A 97 -21.62 42.32 6.04
CA ARG A 97 -22.83 42.12 6.81
C ARG A 97 -23.06 40.69 7.26
N LEU A 98 -22.47 39.73 6.58
CA LEU A 98 -22.67 38.33 6.96
C LEU A 98 -22.50 38.10 8.46
N GLY A 99 -21.63 38.88 9.10
CA GLY A 99 -21.42 38.71 10.52
C GLY A 99 -21.88 39.88 11.38
N ALA A 100 -22.11 41.02 10.76
CA ALA A 100 -22.53 42.23 11.44
C ALA A 100 -23.54 42.00 12.57
N ALA A 101 -24.36 40.97 12.43
CA ALA A 101 -25.38 40.65 13.42
C ALA A 101 -24.81 40.19 14.76
N ARG A 102 -23.64 39.55 14.71
CA ARG A 102 -22.99 39.08 15.94
C ARG A 102 -21.48 39.02 15.71
N PRO A 103 -20.81 40.17 15.89
CA PRO A 103 -19.37 40.34 15.71
C PRO A 103 -18.51 39.62 16.76
N GLY A 104 -19.14 39.13 17.82
CA GLY A 104 -18.41 38.43 18.87
C GLY A 104 -18.32 36.93 18.64
N LEU A 105 -18.77 36.49 17.46
CA LEU A 105 -18.76 35.09 17.06
C LEU A 105 -17.33 34.55 16.99
N ARG A 106 -17.08 33.42 17.64
CA ARG A 106 -15.76 32.81 17.62
C ARG A 106 -15.88 31.36 17.16
N LEU A 107 -14.76 30.80 16.73
CA LEU A 107 -14.74 29.42 16.26
C LEU A 107 -14.60 28.47 17.44
N PRO A 108 -15.63 27.65 17.69
CA PRO A 108 -15.56 26.69 18.80
C PRO A 108 -14.58 25.59 18.43
N GLY A 109 -13.42 25.56 19.10
CA GLY A 109 -12.43 24.53 18.80
C GLY A 109 -12.64 23.29 19.66
N CYS A 110 -11.55 22.74 20.16
CA CYS A 110 -11.63 21.56 21.02
C CYS A 110 -10.45 21.55 21.98
N VAL A 111 -10.54 20.67 22.98
CA VAL A 111 -9.49 20.58 23.97
C VAL A 111 -8.59 19.36 23.66
N ASP A 112 -8.97 18.63 22.61
CA ASP A 112 -8.22 17.45 22.16
C ASP A 112 -8.72 17.04 20.78
N ALA A 113 -7.80 16.95 19.82
CA ALA A 113 -8.16 16.60 18.47
C ALA A 113 -8.73 15.21 18.32
N PHE A 114 -8.15 14.23 19.01
CA PHE A 114 -8.67 12.85 18.92
C PHE A 114 -10.11 12.85 19.35
N GLU A 115 -10.38 13.41 20.53
CA GLU A 115 -11.73 13.50 21.04
C GLU A 115 -12.61 14.14 19.98
N GLN A 116 -12.19 15.30 19.47
CA GLN A 116 -12.99 15.98 18.46
C GLN A 116 -13.21 15.06 17.27
N GLY A 117 -12.22 14.24 16.98
CA GLY A 117 -12.34 13.30 15.86
C GLY A 117 -13.46 12.33 16.18
N VAL A 118 -13.45 11.77 17.39
CA VAL A 118 -14.51 10.86 17.80
C VAL A 118 -15.84 11.60 17.75
N ARG A 119 -15.86 12.82 18.26
CA ARG A 119 -17.08 13.63 18.28
C ARG A 119 -17.68 13.87 16.89
N ALA A 120 -16.84 14.23 15.93
CA ALA A 120 -17.29 14.51 14.57
C ALA A 120 -17.82 13.28 13.84
N ILE A 121 -17.36 12.11 14.26
CA ILE A 121 -17.81 10.87 13.64
C ILE A 121 -19.19 10.44 14.13
N LEU A 122 -19.40 10.51 15.44
CA LEU A 122 -20.69 10.12 16.00
C LEU A 122 -21.74 11.13 15.58
N GLY A 123 -21.29 12.27 15.08
CA GLY A 123 -22.20 13.31 14.63
C GLY A 123 -22.72 13.06 13.23
N GLN A 124 -22.31 11.95 12.62
CA GLN A 124 -22.74 11.62 11.27
C GLN A 124 -24.20 11.20 11.18
N LEU A 125 -24.92 11.83 10.24
CA LEU A 125 -26.31 11.51 9.99
C LEU A 125 -27.29 11.98 11.08
N VAL A 126 -26.94 11.80 12.35
CA VAL A 126 -27.82 12.17 13.46
C VAL A 126 -27.87 13.67 13.86
N SER A 127 -28.73 13.96 14.83
CA SER A 127 -28.90 15.33 15.35
C SER A 127 -27.87 15.66 16.42
N VAL A 128 -27.67 16.95 16.65
CA VAL A 128 -26.72 17.42 17.63
C VAL A 128 -27.01 16.84 19.02
N ALA A 129 -28.29 16.81 19.39
CA ALA A 129 -28.65 16.29 20.69
C ALA A 129 -28.41 14.79 20.77
N MET A 130 -28.61 14.09 19.66
CA MET A 130 -28.39 12.65 19.66
C MET A 130 -26.90 12.33 19.71
N ALA A 131 -26.11 13.05 18.93
CA ALA A 131 -24.68 12.84 18.90
C ALA A 131 -24.14 13.06 20.30
N ALA A 132 -24.80 13.93 21.05
CA ALA A 132 -24.38 14.21 22.42
C ALA A 132 -24.67 12.98 23.27
N LYS A 133 -25.92 12.52 23.23
CA LYS A 133 -26.35 11.34 23.98
C LYS A 133 -25.40 10.19 23.66
N LEU A 134 -25.17 10.01 22.37
CA LEU A 134 -24.30 8.96 21.89
C LEU A 134 -22.92 9.07 22.53
N THR A 135 -22.18 10.14 22.22
CA THR A 135 -20.85 10.35 22.77
C THR A 135 -20.81 10.10 24.27
N ALA A 136 -21.91 10.42 24.97
CA ALA A 136 -21.97 10.20 26.41
C ALA A 136 -21.89 8.70 26.71
N ARG A 137 -22.71 7.92 26.02
CA ARG A 137 -22.72 6.47 26.20
C ARG A 137 -21.32 5.91 25.98
N VAL A 138 -20.66 6.33 24.91
CA VAL A 138 -19.33 5.86 24.60
C VAL A 138 -18.39 6.29 25.70
N ALA A 139 -18.59 7.50 26.20
CA ALA A 139 -17.74 7.98 27.28
C ALA A 139 -18.01 7.13 28.52
N GLN A 140 -19.28 7.09 28.94
CA GLN A 140 -19.68 6.33 30.12
C GLN A 140 -19.00 4.98 30.22
N LEU A 141 -18.95 4.26 29.11
CA LEU A 141 -18.36 2.91 29.04
C LEU A 141 -16.84 2.80 28.93
N TYR A 142 -16.23 3.58 28.04
CA TYR A 142 -14.80 3.53 27.84
C TYR A 142 -14.00 4.61 28.51
N GLY A 143 -14.68 5.65 28.99
CA GLY A 143 -13.98 6.75 29.64
C GLY A 143 -13.59 6.50 31.08
N GLU A 144 -12.39 6.92 31.47
CA GLU A 144 -11.94 6.70 32.84
C GLU A 144 -12.40 7.81 33.79
N ARG A 145 -13.00 7.43 34.90
CA ARG A 145 -13.49 8.38 35.89
C ARG A 145 -12.36 8.98 36.71
N LEU A 146 -12.62 10.16 37.28
CA LEU A 146 -11.66 10.87 38.12
C LEU A 146 -11.79 10.40 39.54
N ASP A 147 -10.66 10.14 40.19
CA ASP A 147 -10.66 9.69 41.59
C ASP A 147 -11.00 10.92 42.41
N ASP A 148 -10.31 12.00 42.08
CA ASP A 148 -10.47 13.26 42.77
C ASP A 148 -11.86 13.87 42.65
N PHE A 149 -12.53 13.65 41.52
CA PHE A 149 -13.88 14.21 41.30
C PHE A 149 -14.83 13.22 40.66
N PRO A 150 -15.33 12.27 41.45
CA PRO A 150 -16.27 11.22 41.08
C PRO A 150 -17.33 11.63 40.07
N GLU A 151 -17.90 12.82 40.29
CA GLU A 151 -18.93 13.35 39.42
C GLU A 151 -18.47 13.44 37.97
N TYR A 152 -17.15 13.49 37.80
CA TYR A 152 -16.56 13.60 36.47
C TYR A 152 -15.99 12.33 35.90
N ILE A 153 -15.91 12.29 34.58
CA ILE A 153 -15.37 11.13 33.88
C ILE A 153 -14.54 11.59 32.68
N CYS A 154 -13.31 11.11 32.57
CA CYS A 154 -12.45 11.51 31.46
C CYS A 154 -12.89 10.93 30.14
N PHE A 155 -12.71 11.71 29.08
CA PHE A 155 -13.10 11.23 27.76
C PHE A 155 -12.27 9.99 27.43
N PRO A 156 -12.88 9.03 26.74
CA PRO A 156 -12.15 7.80 26.38
C PRO A 156 -10.83 8.12 25.68
N THR A 157 -9.76 7.46 26.11
CA THR A 157 -8.45 7.66 25.51
C THR A 157 -8.32 6.83 24.22
N PRO A 158 -7.31 7.16 23.40
CA PRO A 158 -7.07 6.42 22.15
C PRO A 158 -6.92 4.93 22.37
N GLN A 159 -6.01 4.56 23.29
CA GLN A 159 -5.75 3.15 23.58
C GLN A 159 -6.88 2.40 24.26
N ARG A 160 -7.86 3.09 24.79
CA ARG A 160 -8.97 2.38 25.43
C ARG A 160 -10.02 2.01 24.37
N LEU A 161 -10.13 2.85 23.33
CA LEU A 161 -11.08 2.63 22.25
C LEU A 161 -10.45 1.73 21.20
N ALA A 162 -9.13 1.70 21.18
CA ALA A 162 -8.41 0.88 20.23
C ALA A 162 -8.63 -0.59 20.57
N ALA A 163 -8.66 -0.86 21.87
CA ALA A 163 -8.85 -2.22 22.37
C ALA A 163 -10.35 -2.55 22.43
N ALA A 164 -11.19 -1.53 22.28
CA ALA A 164 -12.63 -1.74 22.31
C ALA A 164 -13.10 -2.73 21.25
N ASP A 165 -14.25 -3.34 21.51
CA ASP A 165 -14.85 -4.32 20.61
C ASP A 165 -16.05 -3.74 19.86
N PRO A 166 -16.01 -3.74 18.52
CA PRO A 166 -17.07 -3.22 17.66
C PRO A 166 -18.47 -3.54 18.15
N GLN A 167 -18.74 -4.82 18.38
CA GLN A 167 -20.06 -5.20 18.86
C GLN A 167 -20.48 -4.39 20.09
N ALA A 168 -19.56 -4.20 21.03
CA ALA A 168 -19.83 -3.44 22.24
C ALA A 168 -20.25 -2.02 21.86
N LEU A 169 -19.41 -1.36 21.08
CA LEU A 169 -19.69 0.01 20.62
C LEU A 169 -21.03 0.03 19.92
N LYS A 170 -21.15 -0.81 18.90
CA LYS A 170 -22.38 -0.90 18.12
C LYS A 170 -23.58 -0.91 19.06
N ALA A 171 -23.48 -1.74 20.10
CA ALA A 171 -24.53 -1.87 21.11
C ALA A 171 -24.96 -0.53 21.68
N LEU A 172 -24.02 0.38 21.85
CA LEU A 172 -24.33 1.70 22.38
C LEU A 172 -25.33 2.41 21.49
N GLY A 173 -25.52 1.91 20.28
CA GLY A 173 -26.48 2.52 19.38
C GLY A 173 -25.95 3.12 18.10
N MET A 174 -24.94 2.51 17.50
CA MET A 174 -24.40 3.04 16.26
C MET A 174 -24.15 1.89 15.30
N PRO A 175 -24.20 2.16 13.99
CA PRO A 175 -23.97 1.09 13.02
C PRO A 175 -22.58 0.50 13.19
N LEU A 176 -22.40 -0.74 12.73
CA LEU A 176 -21.14 -1.45 12.82
C LEU A 176 -19.97 -0.64 12.25
N LYS A 177 -20.24 0.01 11.12
CA LYS A 177 -19.22 0.83 10.46
C LYS A 177 -18.75 1.97 11.38
N ARG A 178 -19.70 2.82 11.78
CA ARG A 178 -19.39 3.94 12.66
C ARG A 178 -18.42 3.51 13.76
N ALA A 179 -18.70 2.36 14.39
CA ALA A 179 -17.85 1.84 15.46
C ALA A 179 -16.43 1.54 14.97
N GLU A 180 -16.35 0.86 13.82
CA GLU A 180 -15.05 0.53 13.24
C GLU A 180 -14.27 1.80 12.92
N ALA A 181 -14.97 2.83 12.44
CA ALA A 181 -14.34 4.09 12.13
C ALA A 181 -13.73 4.65 13.41
N LEU A 182 -14.41 4.45 14.54
CA LEU A 182 -13.89 4.94 15.81
C LEU A 182 -12.66 4.16 16.22
N ILE A 183 -12.69 2.84 16.04
CA ILE A 183 -11.54 2.02 16.39
C ILE A 183 -10.36 2.30 15.48
N HIS A 184 -10.63 2.68 14.24
CA HIS A 184 -9.53 3.00 13.35
C HIS A 184 -8.88 4.28 13.85
N LEU A 185 -9.69 5.33 13.98
CA LEU A 185 -9.26 6.63 14.45
C LEU A 185 -8.32 6.57 15.65
N ALA A 186 -8.69 5.76 16.64
CA ALA A 186 -7.89 5.62 17.85
C ALA A 186 -6.52 5.04 17.53
N ASN A 187 -6.44 4.15 16.55
CA ASN A 187 -5.16 3.56 16.20
C ASN A 187 -4.25 4.56 15.51
N ALA A 188 -4.83 5.37 14.62
CA ALA A 188 -4.05 6.39 13.93
C ALA A 188 -3.57 7.38 14.97
N ALA A 189 -4.24 7.46 16.11
CA ALA A 189 -3.84 8.36 17.19
C ALA A 189 -2.61 7.79 17.89
N LEU A 190 -2.70 6.53 18.27
CA LEU A 190 -1.59 5.87 18.95
C LEU A 190 -0.37 5.86 18.03
N GLU A 191 -0.60 5.70 16.74
CA GLU A 191 0.46 5.65 15.75
C GLU A 191 0.85 7.06 15.29
N GLY A 192 0.08 8.06 15.69
CA GLY A 192 0.36 9.42 15.30
C GLY A 192 0.11 9.72 13.83
N THR A 193 -0.90 9.09 13.25
CA THR A 193 -1.24 9.30 11.85
C THR A 193 -2.35 10.32 11.71
N LEU A 194 -3.02 10.62 12.82
CA LEU A 194 -4.09 11.62 12.86
C LEU A 194 -3.47 12.90 13.45
N PRO A 195 -3.37 13.96 12.64
CA PRO A 195 -2.80 15.23 13.10
C PRO A 195 -3.51 15.79 14.33
N MET A 196 -2.81 15.96 15.45
CA MET A 196 -3.45 16.53 16.65
C MET A 196 -3.34 18.05 16.59
N THR A 197 -2.64 18.55 15.59
CA THR A 197 -2.46 19.98 15.42
C THR A 197 -2.60 20.40 13.96
N ILE A 198 -3.18 21.58 13.77
CA ILE A 198 -3.41 22.17 12.46
C ILE A 198 -2.17 22.04 11.56
N PRO A 199 -2.24 21.17 10.54
CA PRO A 199 -1.13 20.96 9.60
C PRO A 199 -0.92 22.09 8.60
N GLY A 200 0.29 22.21 8.06
CA GLY A 200 0.56 23.28 7.11
C GLY A 200 -0.37 23.30 5.90
N ASP A 201 -0.48 22.16 5.23
CA ASP A 201 -1.34 22.02 4.05
C ASP A 201 -2.62 21.34 4.50
N VAL A 202 -3.59 22.15 4.88
CA VAL A 202 -4.87 21.63 5.35
C VAL A 202 -5.64 20.74 4.38
N GLU A 203 -5.70 21.13 3.11
CA GLU A 203 -6.41 20.33 2.11
C GLU A 203 -5.82 18.93 1.98
N GLN A 204 -4.55 18.88 1.62
CA GLN A 204 -3.86 17.61 1.48
C GLN A 204 -4.11 16.82 2.75
N ALA A 205 -3.89 17.48 3.88
CA ALA A 205 -4.10 16.87 5.19
C ALA A 205 -5.50 16.27 5.25
N MET A 206 -6.50 17.00 4.77
CA MET A 206 -7.86 16.51 4.79
C MET A 206 -8.06 15.32 3.85
N LYS A 207 -7.48 15.40 2.66
CA LYS A 207 -7.57 14.29 1.71
C LYS A 207 -7.15 12.98 2.36
N THR A 208 -6.01 13.04 3.04
CA THR A 208 -5.45 11.92 3.75
C THR A 208 -6.48 11.37 4.71
N LEU A 209 -7.20 12.26 5.38
CA LEU A 209 -8.22 11.85 6.33
C LEU A 209 -9.39 11.09 5.69
N GLN A 210 -9.80 11.52 4.49
CA GLN A 210 -10.92 10.90 3.80
C GLN A 210 -10.63 9.50 3.32
N THR A 211 -9.37 9.11 3.37
CA THR A 211 -8.99 7.77 2.97
C THR A 211 -9.22 6.88 4.19
N PHE A 212 -9.33 7.50 5.36
CA PHE A 212 -9.60 6.78 6.60
C PHE A 212 -11.01 6.21 6.49
N PRO A 213 -11.22 5.00 7.04
CA PRO A 213 -12.56 4.40 6.97
C PRO A 213 -13.57 5.13 7.84
N GLY A 214 -14.74 5.38 7.27
CA GLY A 214 -15.79 6.05 7.99
C GLY A 214 -15.68 7.56 7.95
N ILE A 215 -14.60 8.08 7.40
CA ILE A 215 -14.41 9.53 7.33
C ILE A 215 -14.58 10.08 5.92
N GLY A 216 -15.73 10.70 5.68
CA GLY A 216 -16.00 11.27 4.36
C GLY A 216 -15.46 12.69 4.30
N ARG A 217 -15.85 13.43 3.28
CA ARG A 217 -15.39 14.81 3.12
C ARG A 217 -16.06 15.75 4.11
N TRP A 218 -17.26 15.38 4.60
CA TRP A 218 -17.95 16.20 5.59
C TRP A 218 -17.25 16.04 6.93
N THR A 219 -17.05 14.78 7.33
CA THR A 219 -16.37 14.49 8.58
C THR A 219 -14.99 15.15 8.58
N ALA A 220 -14.32 15.13 7.43
CA ALA A 220 -13.00 15.72 7.31
C ALA A 220 -13.02 17.25 7.38
N ASN A 221 -13.97 17.86 6.70
CA ASN A 221 -14.07 19.32 6.72
C ASN A 221 -14.41 19.81 8.12
N TYR A 222 -15.44 19.23 8.73
CA TYR A 222 -15.86 19.60 10.08
C TYR A 222 -14.71 19.39 11.08
N PHE A 223 -13.99 18.27 10.96
CA PHE A 223 -12.89 18.00 11.88
C PHE A 223 -11.80 19.06 11.69
N ALA A 224 -11.53 19.38 10.43
CA ALA A 224 -10.54 20.40 10.14
C ALA A 224 -10.92 21.63 10.95
N LEU A 225 -12.19 22.01 10.85
CA LEU A 225 -12.73 23.17 11.54
C LEU A 225 -12.69 23.13 13.07
N ARG A 226 -13.09 22.01 13.67
CA ARG A 226 -13.10 21.88 15.14
C ARG A 226 -11.80 21.34 15.72
N GLY A 227 -11.33 20.22 15.18
CA GLY A 227 -10.12 19.59 15.65
C GLY A 227 -8.85 20.38 15.40
N TRP A 228 -8.80 21.12 14.29
CA TRP A 228 -7.62 21.92 13.97
C TRP A 228 -7.84 23.42 14.06
N GLN A 229 -9.10 23.82 14.15
CA GLN A 229 -9.44 25.24 14.20
C GLN A 229 -9.05 25.87 12.88
N ALA A 230 -9.22 25.11 11.79
CA ALA A 230 -8.92 25.60 10.45
C ALA A 230 -9.93 26.72 10.21
N LYS A 231 -9.45 27.91 9.88
CA LYS A 231 -10.32 29.07 9.69
C LYS A 231 -10.89 29.35 8.29
N ASP A 232 -10.30 28.77 7.24
CA ASP A 232 -10.75 29.05 5.89
C ASP A 232 -11.43 27.86 5.19
N VAL A 233 -12.11 27.01 5.95
CA VAL A 233 -12.79 25.84 5.39
C VAL A 233 -14.31 25.92 5.44
N PHE A 234 -14.97 25.70 4.30
CA PHE A 234 -16.41 25.73 4.25
C PHE A 234 -16.98 24.30 4.23
N LEU A 235 -18.30 24.17 4.35
CA LEU A 235 -18.96 22.87 4.34
C LEU A 235 -20.15 22.80 3.37
N PRO A 236 -19.89 22.54 2.08
CA PRO A 236 -20.95 22.47 1.05
C PRO A 236 -21.86 21.23 1.20
N ASP A 237 -21.41 20.25 1.96
CA ASP A 237 -22.15 19.01 2.14
C ASP A 237 -22.83 18.96 3.50
N ASP A 238 -22.79 20.07 4.24
CA ASP A 238 -23.43 20.09 5.54
C ASP A 238 -24.94 20.10 5.37
N TYR A 239 -25.64 19.46 6.31
CA TYR A 239 -27.09 19.42 6.21
C TYR A 239 -27.60 20.84 6.07
N LEU A 240 -27.45 21.62 7.12
CA LEU A 240 -27.93 22.99 7.12
C LEU A 240 -27.47 23.80 5.91
N ILE A 241 -26.16 23.87 5.66
CA ILE A 241 -25.63 24.62 4.52
C ILE A 241 -26.40 24.31 3.24
N LYS A 242 -26.82 23.06 3.10
CA LYS A 242 -27.60 22.67 1.93
C LYS A 242 -28.91 23.45 2.00
N GLN A 243 -29.54 23.35 3.17
CA GLN A 243 -30.81 24.00 3.47
C GLN A 243 -30.71 25.54 3.58
N ARG A 244 -29.48 26.05 3.53
CA ARG A 244 -29.24 27.50 3.60
C ARG A 244 -28.98 28.05 2.21
N PHE A 245 -28.60 27.17 1.30
CA PHE A 245 -28.36 27.52 -0.10
C PHE A 245 -29.32 26.69 -0.94
N PRO A 246 -30.61 26.62 -0.55
CA PRO A 246 -31.59 25.82 -1.30
C PRO A 246 -31.49 25.98 -2.82
N GLY A 247 -31.38 24.84 -3.51
CA GLY A 247 -31.30 24.86 -4.96
C GLY A 247 -29.89 24.86 -5.55
N MET A 248 -28.88 24.62 -4.72
CA MET A 248 -27.52 24.62 -5.21
C MET A 248 -26.74 23.32 -4.99
N THR A 249 -25.87 23.04 -5.96
CA THR A 249 -25.02 21.85 -5.94
C THR A 249 -23.71 22.18 -5.23
N PRO A 250 -23.22 21.24 -4.40
CA PRO A 250 -21.98 21.36 -3.63
C PRO A 250 -20.83 22.21 -4.20
N ALA A 251 -20.67 22.24 -5.51
CA ALA A 251 -19.58 23.02 -6.13
C ALA A 251 -19.96 24.48 -6.42
N GLN A 252 -21.23 24.81 -6.22
CA GLN A 252 -21.67 26.19 -6.42
C GLN A 252 -21.66 26.82 -5.03
N ILE A 253 -21.92 26.00 -4.03
CA ILE A 253 -21.92 26.44 -2.65
C ILE A 253 -20.45 26.71 -2.30
N ARG A 254 -19.57 25.80 -2.72
CA ARG A 254 -18.14 25.95 -2.47
C ARG A 254 -17.64 27.12 -3.31
N ARG A 255 -18.03 27.12 -4.58
CA ARG A 255 -17.64 28.19 -5.49
C ARG A 255 -18.25 29.53 -5.05
N TYR A 256 -19.39 29.48 -4.37
CA TYR A 256 -20.04 30.70 -3.89
C TYR A 256 -19.29 31.18 -2.65
N ALA A 257 -19.28 30.31 -1.65
CA ALA A 257 -18.65 30.55 -0.36
C ALA A 257 -17.18 30.97 -0.41
N GLU A 258 -16.55 30.84 -1.59
CA GLU A 258 -15.14 31.20 -1.72
C GLU A 258 -14.92 32.69 -1.80
N ARG A 259 -15.97 33.46 -1.52
CA ARG A 259 -15.86 34.90 -1.55
C ARG A 259 -15.40 35.35 -0.16
N TRP A 260 -15.57 34.48 0.82
CA TRP A 260 -15.18 34.77 2.20
C TRP A 260 -13.81 34.22 2.53
N LYS A 261 -12.96 34.10 1.51
CA LYS A 261 -11.60 33.62 1.71
C LYS A 261 -10.80 34.78 2.32
N PRO A 262 -9.92 34.52 3.30
CA PRO A 262 -9.59 33.22 3.92
C PRO A 262 -10.26 32.97 5.29
N TRP A 263 -11.51 33.39 5.44
CA TRP A 263 -12.19 33.17 6.72
C TRP A 263 -13.51 32.40 6.58
N ARG A 264 -13.55 31.44 5.66
CA ARG A 264 -14.76 30.66 5.44
C ARG A 264 -15.31 29.91 6.66
N SER A 265 -14.42 29.51 7.57
CA SER A 265 -14.84 28.80 8.78
C SER A 265 -15.75 29.71 9.60
N TYR A 266 -15.50 31.01 9.50
CA TYR A 266 -16.28 32.03 10.20
C TYR A 266 -17.57 32.32 9.42
N ALA A 267 -17.45 32.39 8.11
CA ALA A 267 -18.61 32.64 7.28
C ALA A 267 -19.58 31.48 7.46
N LEU A 268 -19.05 30.28 7.65
CA LEU A 268 -19.89 29.12 7.82
C LEU A 268 -20.73 29.23 9.09
N LEU A 269 -20.06 29.58 10.18
CA LEU A 269 -20.72 29.74 11.48
C LEU A 269 -21.78 30.83 11.46
N HIS A 270 -21.51 31.91 10.73
CA HIS A 270 -22.47 33.00 10.65
C HIS A 270 -23.74 32.54 9.94
N ILE A 271 -23.56 31.82 8.83
CA ILE A 271 -24.67 31.29 8.06
C ILE A 271 -25.47 30.29 8.90
N TRP A 272 -24.78 29.48 9.69
CA TRP A 272 -25.45 28.52 10.55
C TRP A 272 -26.35 29.25 11.53
N TYR A 273 -25.88 30.37 12.05
CA TYR A 273 -26.66 31.09 13.04
C TYR A 273 -27.49 32.29 12.61
N THR A 274 -27.52 32.60 11.33
CA THR A 274 -28.37 33.69 10.89
C THR A 274 -29.68 32.99 10.55
N GLU A 275 -30.58 32.95 11.52
CA GLU A 275 -31.88 32.28 11.41
C GLU A 275 -32.48 32.06 10.01
N GLY A 276 -32.65 33.15 9.24
CA GLY A 276 -33.20 33.01 7.91
C GLY A 276 -32.32 33.62 6.85
N TRP A 277 -31.12 33.07 6.67
CA TRP A 277 -30.19 33.59 5.68
C TRP A 277 -30.35 32.91 4.35
N GLN A 278 -30.70 33.70 3.34
CA GLN A 278 -30.84 33.15 2.01
C GLN A 278 -29.82 33.89 1.16
N PRO A 279 -29.14 33.16 0.25
CA PRO A 279 -28.13 33.82 -0.59
C PRO A 279 -28.60 35.15 -1.19
N ASP A 280 -27.65 36.08 -1.30
CA ASP A 280 -27.91 37.42 -1.82
C ASP A 280 -28.83 37.52 -3.03
N GLU A 281 -30.03 38.04 -2.80
CA GLU A 281 -31.02 38.22 -3.86
C GLU A 281 -30.49 39.17 -4.93
N ALA A 282 -29.63 38.64 -5.80
CA ALA A 282 -29.04 39.46 -6.86
C ALA A 282 -29.59 39.11 -8.25
N MET B 1 0.42 -31.59 -40.71
CA MET B 1 1.28 -32.53 -39.91
C MET B 1 0.56 -32.95 -38.62
N TYR B 2 0.25 -31.99 -37.75
CA TYR B 2 -0.47 -32.28 -36.51
C TYR B 2 -1.95 -32.06 -36.77
N THR B 3 -2.81 -32.69 -35.98
CA THR B 3 -4.24 -32.50 -36.17
C THR B 3 -4.98 -32.33 -34.85
N LEU B 4 -5.86 -31.33 -34.80
CA LEU B 4 -6.63 -31.04 -33.61
C LEU B 4 -8.11 -31.21 -33.94
N ASN B 5 -8.89 -31.65 -32.98
CA ASN B 5 -10.32 -31.83 -33.21
C ASN B 5 -11.10 -30.61 -32.80
N TRP B 6 -12.29 -30.48 -33.38
CA TRP B 6 -13.21 -29.37 -33.09
C TRP B 6 -14.64 -29.91 -33.22
N GLN B 7 -15.58 -29.39 -32.45
CA GLN B 7 -16.97 -29.87 -32.55
C GLN B 7 -17.77 -29.02 -33.54
N PRO B 8 -18.55 -29.68 -34.41
CA PRO B 8 -19.36 -28.95 -35.40
C PRO B 8 -20.63 -28.34 -34.81
N PRO B 9 -21.11 -27.26 -35.41
CA PRO B 9 -20.55 -26.59 -36.59
C PRO B 9 -19.46 -25.56 -36.26
N TYR B 10 -18.64 -25.25 -37.26
CA TYR B 10 -17.58 -24.26 -37.10
C TYR B 10 -17.61 -23.37 -38.34
N ASP B 11 -18.04 -22.12 -38.17
CA ASP B 11 -18.12 -21.19 -39.29
C ASP B 11 -16.74 -20.69 -39.62
N TRP B 12 -16.03 -21.48 -40.40
CA TRP B 12 -14.66 -21.14 -40.76
C TRP B 12 -14.51 -19.86 -41.54
N SER B 13 -15.43 -19.61 -42.47
CA SER B 13 -15.37 -18.40 -43.27
C SER B 13 -15.41 -17.16 -42.36
N TRP B 14 -16.34 -17.16 -41.41
CA TRP B 14 -16.46 -16.02 -40.49
C TRP B 14 -15.18 -15.86 -39.69
N MET B 15 -14.73 -16.96 -39.09
CA MET B 15 -13.52 -16.95 -38.27
C MET B 15 -12.34 -16.39 -39.04
N LEU B 16 -11.93 -17.10 -40.09
CA LEU B 16 -10.81 -16.65 -40.90
C LEU B 16 -11.05 -15.22 -41.40
N GLY B 17 -12.32 -14.86 -41.61
CA GLY B 17 -12.66 -13.52 -42.06
C GLY B 17 -12.31 -12.47 -41.03
N PHE B 18 -12.60 -12.77 -39.77
CA PHE B 18 -12.33 -11.87 -38.65
C PHE B 18 -10.84 -11.65 -38.39
N LEU B 19 -10.05 -12.72 -38.48
CA LEU B 19 -8.61 -12.63 -38.26
C LEU B 19 -8.00 -11.85 -39.41
N ALA B 20 -8.53 -12.11 -40.60
CA ALA B 20 -8.05 -11.47 -41.80
C ALA B 20 -8.12 -9.97 -41.66
N ALA B 21 -9.30 -9.46 -41.35
CA ALA B 21 -9.47 -8.02 -41.21
C ALA B 21 -8.50 -7.41 -40.20
N ARG B 22 -7.97 -8.21 -39.30
CA ARG B 22 -7.05 -7.65 -38.29
C ARG B 22 -5.63 -8.21 -38.42
N ALA B 23 -5.41 -8.91 -39.54
CA ALA B 23 -4.12 -9.52 -39.83
C ALA B 23 -3.03 -8.46 -39.91
N VAL B 24 -1.90 -8.75 -39.26
CA VAL B 24 -0.77 -7.84 -39.23
C VAL B 24 0.33 -8.24 -40.19
N SER B 25 0.59 -7.38 -41.17
CA SER B 25 1.61 -7.62 -42.18
C SER B 25 2.96 -8.06 -41.61
N SER B 26 3.50 -9.12 -42.21
CA SER B 26 4.77 -9.69 -41.80
C SER B 26 4.62 -10.52 -40.55
N VAL B 27 3.43 -10.53 -39.96
CA VAL B 27 3.20 -11.35 -38.76
C VAL B 27 2.23 -12.48 -39.10
N GLU B 28 1.13 -12.12 -39.75
CA GLU B 28 0.10 -13.09 -40.09
C GLU B 28 -0.19 -13.10 -41.58
N THR B 29 -0.85 -14.17 -42.00
CA THR B 29 -1.29 -14.38 -43.38
C THR B 29 -2.63 -15.09 -43.31
N VAL B 30 -3.65 -14.52 -43.91
CA VAL B 30 -4.95 -15.16 -43.87
C VAL B 30 -5.50 -15.37 -45.27
N ALA B 31 -5.84 -16.63 -45.59
CA ALA B 31 -6.39 -16.99 -46.89
C ALA B 31 -7.69 -17.76 -46.74
N ASP B 32 -8.45 -17.85 -47.82
CA ASP B 32 -9.73 -18.57 -47.79
C ASP B 32 -9.66 -19.89 -47.07
N SER B 33 -8.57 -20.62 -47.31
CA SER B 33 -8.42 -21.96 -46.76
C SER B 33 -7.42 -22.20 -45.65
N TYR B 34 -6.63 -21.20 -45.28
CA TYR B 34 -5.66 -21.40 -44.20
C TYR B 34 -5.31 -20.10 -43.48
N TYR B 35 -4.59 -20.25 -42.38
CA TYR B 35 -4.14 -19.13 -41.56
C TYR B 35 -2.69 -19.41 -41.17
N ALA B 36 -1.81 -18.43 -41.35
CA ALA B 36 -0.41 -18.59 -41.02
C ALA B 36 0.16 -17.37 -40.33
N ARG B 37 1.08 -17.60 -39.40
CA ARG B 37 1.70 -16.51 -38.68
C ARG B 37 2.98 -16.99 -38.03
N SER B 38 3.81 -16.02 -37.69
CA SER B 38 5.08 -16.27 -37.01
C SER B 38 4.71 -16.64 -35.58
N LEU B 39 5.65 -17.25 -34.90
CA LEU B 39 5.41 -17.65 -33.53
C LEU B 39 6.70 -18.00 -32.82
N ALA B 40 6.93 -17.33 -31.69
CA ALA B 40 8.13 -17.61 -30.92
C ALA B 40 7.74 -17.98 -29.49
N VAL B 41 8.31 -19.07 -29.02
CA VAL B 41 8.05 -19.57 -27.69
C VAL B 41 9.45 -19.61 -27.08
N GLY B 42 9.81 -18.54 -26.38
CA GLY B 42 11.14 -18.46 -25.82
C GLY B 42 12.10 -18.24 -26.98
N GLU B 43 13.15 -19.06 -27.05
CA GLU B 43 14.15 -18.95 -28.14
C GLU B 43 13.86 -19.90 -29.30
N TYR B 44 12.62 -20.35 -29.40
CA TYR B 44 12.20 -21.25 -30.46
C TYR B 44 11.26 -20.47 -31.37
N ARG B 45 11.68 -20.24 -32.61
CA ARG B 45 10.87 -19.47 -33.54
C ARG B 45 10.63 -20.23 -34.83
N GLY B 46 9.53 -19.91 -35.49
CA GLY B 46 9.21 -20.55 -36.74
C GLY B 46 7.88 -20.02 -37.22
N VAL B 47 7.27 -20.72 -38.17
CA VAL B 47 5.98 -20.29 -38.69
C VAL B 47 4.94 -21.38 -38.42
N VAL B 48 3.73 -20.98 -38.04
CA VAL B 48 2.67 -21.94 -37.80
C VAL B 48 1.65 -21.80 -38.90
N THR B 49 1.06 -22.92 -39.30
CA THR B 49 0.06 -22.87 -40.34
C THR B 49 -1.10 -23.70 -39.90
N ALA B 50 -2.30 -23.16 -40.06
CA ALA B 50 -3.49 -23.87 -39.67
C ALA B 50 -4.40 -24.04 -40.88
N ILE B 51 -4.81 -25.28 -41.11
CA ILE B 51 -5.67 -25.60 -42.25
C ILE B 51 -6.86 -26.43 -41.81
N PRO B 52 -8.05 -25.80 -41.74
CA PRO B 52 -9.24 -26.52 -41.32
C PRO B 52 -9.64 -27.61 -42.32
N ASP B 53 -10.10 -28.74 -41.79
CA ASP B 53 -10.54 -29.86 -42.60
C ASP B 53 -12.02 -30.11 -42.29
N ILE B 54 -12.88 -29.39 -43.00
CA ILE B 54 -14.32 -29.50 -42.82
C ILE B 54 -14.82 -30.94 -42.86
N ALA B 55 -14.30 -31.70 -43.82
CA ALA B 55 -14.69 -33.09 -44.00
C ALA B 55 -14.52 -33.93 -42.72
N ARG B 56 -13.29 -33.95 -42.18
CA ARG B 56 -12.97 -34.73 -41.00
C ARG B 56 -13.16 -34.04 -39.65
N HIS B 57 -13.74 -32.84 -39.65
CA HIS B 57 -13.99 -32.06 -38.42
C HIS B 57 -12.68 -31.91 -37.67
N THR B 58 -11.68 -31.33 -38.32
CA THR B 58 -10.38 -31.21 -37.68
C THR B 58 -9.49 -30.07 -38.19
N LEU B 59 -8.57 -29.60 -37.35
CA LEU B 59 -7.66 -28.54 -37.76
C LEU B 59 -6.26 -29.12 -37.91
N HIS B 60 -5.69 -28.99 -39.10
CA HIS B 60 -4.35 -29.50 -39.36
C HIS B 60 -3.43 -28.33 -39.08
N ILE B 61 -2.30 -28.62 -38.44
CA ILE B 61 -1.33 -27.59 -38.07
C ILE B 61 0.09 -28.04 -38.31
N ASN B 62 0.79 -27.32 -39.17
CA ASN B 62 2.16 -27.63 -39.46
C ASN B 62 3.05 -26.57 -38.78
N LEU B 63 4.23 -26.98 -38.31
CA LEU B 63 5.13 -26.03 -37.69
C LEU B 63 6.46 -26.08 -38.42
N SER B 64 7.14 -24.94 -38.54
CA SER B 64 8.44 -24.93 -39.20
C SER B 64 9.38 -25.60 -38.20
N ALA B 65 10.52 -26.09 -38.67
CA ALA B 65 11.49 -26.77 -37.82
C ALA B 65 11.89 -26.03 -36.55
N GLY B 66 11.82 -24.71 -36.59
CA GLY B 66 12.20 -23.92 -35.43
C GLY B 66 11.36 -24.14 -34.18
N LEU B 67 10.09 -24.46 -34.35
CA LEU B 67 9.19 -24.64 -33.21
C LEU B 67 8.95 -26.08 -32.73
N GLU B 68 9.44 -27.07 -33.46
CA GLU B 68 9.21 -28.45 -33.07
C GLU B 68 9.55 -28.82 -31.63
N PRO B 69 10.56 -28.17 -31.03
CA PRO B 69 10.90 -28.50 -29.64
C PRO B 69 9.81 -28.10 -28.66
N VAL B 70 9.04 -27.08 -29.03
CA VAL B 70 7.96 -26.59 -28.19
C VAL B 70 6.62 -26.71 -28.92
N ALA B 71 6.51 -27.75 -29.75
CA ALA B 71 5.31 -28.01 -30.55
C ALA B 71 4.00 -28.14 -29.76
N ALA B 72 3.99 -28.93 -28.70
CA ALA B 72 2.76 -29.09 -27.92
C ALA B 72 2.18 -27.74 -27.47
N GLU B 73 3.04 -26.80 -27.11
CA GLU B 73 2.54 -25.51 -26.67
C GLU B 73 2.03 -24.72 -27.84
N CYS B 74 2.60 -24.95 -29.01
CA CYS B 74 2.14 -24.26 -30.21
C CYS B 74 0.71 -24.72 -30.52
N LEU B 75 0.47 -26.00 -30.27
CA LEU B 75 -0.84 -26.59 -30.51
C LEU B 75 -1.87 -26.00 -29.57
N ALA B 76 -1.47 -25.82 -28.31
CA ALA B 76 -2.33 -25.25 -27.28
C ALA B 76 -2.66 -23.79 -27.63
N LYS B 77 -1.65 -23.04 -28.06
CA LYS B 77 -1.88 -21.65 -28.43
C LYS B 77 -2.87 -21.59 -29.57
N MET B 78 -2.76 -22.53 -30.51
CA MET B 78 -3.65 -22.55 -31.64
C MET B 78 -5.05 -22.91 -31.19
N SER B 79 -5.15 -23.84 -30.23
CA SER B 79 -6.46 -24.26 -29.75
C SER B 79 -7.18 -23.11 -29.03
N ARG B 80 -6.39 -22.18 -28.49
CA ARG B 80 -6.93 -21.01 -27.80
C ARG B 80 -7.31 -19.96 -28.82
N LEU B 81 -6.48 -19.82 -29.85
CA LEU B 81 -6.73 -18.88 -30.94
C LEU B 81 -7.99 -19.23 -31.71
N PHE B 82 -8.26 -20.52 -31.93
CA PHE B 82 -9.45 -20.93 -32.69
C PHE B 82 -10.63 -21.51 -31.88
N ASP B 83 -10.58 -21.37 -30.57
CA ASP B 83 -11.66 -21.86 -29.70
C ASP B 83 -12.13 -23.28 -30.00
N LEU B 84 -11.17 -24.18 -30.19
CA LEU B 84 -11.50 -25.57 -30.48
C LEU B 84 -12.32 -26.29 -29.40
N GLN B 85 -12.22 -25.83 -28.16
CA GLN B 85 -12.94 -26.47 -27.06
C GLN B 85 -14.43 -26.25 -27.12
N CYS B 86 -14.85 -25.16 -27.75
CA CYS B 86 -16.26 -24.79 -27.81
C CYS B 86 -17.25 -25.86 -28.25
N ASN B 87 -18.25 -26.10 -27.41
CA ASN B 87 -19.34 -27.04 -27.71
C ASN B 87 -20.57 -26.24 -28.16
N PRO B 88 -20.75 -26.04 -29.48
CA PRO B 88 -21.88 -25.28 -30.03
C PRO B 88 -23.28 -25.64 -29.47
N GLN B 89 -23.50 -26.93 -29.19
CA GLN B 89 -24.78 -27.35 -28.67
C GLN B 89 -25.04 -26.66 -27.34
N ILE B 90 -24.03 -26.58 -26.48
CA ILE B 90 -24.19 -25.94 -25.19
C ILE B 90 -24.43 -24.44 -25.28
N VAL B 91 -23.49 -23.74 -25.90
CA VAL B 91 -23.63 -22.30 -26.04
C VAL B 91 -24.93 -21.93 -26.74
N ASN B 92 -25.14 -22.44 -27.95
CA ASN B 92 -26.34 -22.12 -28.71
C ASN B 92 -27.60 -22.49 -27.96
N GLY B 93 -27.66 -23.73 -27.50
CA GLY B 93 -28.82 -24.18 -26.77
C GLY B 93 -29.19 -23.08 -25.79
N ALA B 94 -28.26 -22.77 -24.90
CA ALA B 94 -28.52 -21.74 -23.92
C ALA B 94 -28.82 -20.37 -24.56
N LEU B 95 -28.08 -20.01 -25.61
CA LEU B 95 -28.27 -18.71 -26.27
C LEU B 95 -29.57 -18.48 -27.02
N GLY B 96 -30.24 -19.55 -27.43
CA GLY B 96 -31.50 -19.43 -28.17
C GLY B 96 -31.41 -18.75 -29.54
N ARG B 97 -32.36 -17.86 -29.81
CA ARG B 97 -32.44 -17.10 -31.06
C ARG B 97 -31.08 -16.55 -31.46
N LEU B 98 -30.60 -15.67 -30.60
CA LEU B 98 -29.35 -14.98 -30.78
C LEU B 98 -28.31 -15.70 -31.65
N GLY B 99 -27.97 -16.93 -31.31
CA GLY B 99 -27.01 -17.64 -32.10
C GLY B 99 -27.61 -18.65 -33.03
N ALA B 100 -28.87 -18.43 -33.39
CA ALA B 100 -29.61 -19.35 -34.25
C ALA B 100 -29.24 -19.32 -35.72
N ALA B 101 -28.93 -18.13 -36.23
CA ALA B 101 -28.59 -18.03 -37.65
C ALA B 101 -27.14 -18.42 -37.97
N ARG B 102 -26.22 -18.19 -37.05
CA ARG B 102 -24.82 -18.50 -37.28
C ARG B 102 -24.21 -19.32 -36.15
N PRO B 103 -24.75 -20.52 -35.90
CA PRO B 103 -24.33 -21.48 -34.86
C PRO B 103 -22.88 -21.94 -34.85
N GLY B 104 -22.10 -21.56 -35.85
CA GLY B 104 -20.72 -21.98 -35.88
C GLY B 104 -19.80 -20.89 -35.40
N LEU B 105 -20.39 -19.85 -34.85
CA LEU B 105 -19.69 -18.69 -34.31
C LEU B 105 -18.68 -19.12 -33.25
N ARG B 106 -17.51 -18.50 -33.24
CA ARG B 106 -16.46 -18.81 -32.25
C ARG B 106 -15.80 -17.57 -31.67
N LEU B 107 -15.06 -17.77 -30.59
CA LEU B 107 -14.40 -16.66 -29.92
C LEU B 107 -12.97 -16.57 -30.44
N PRO B 108 -12.69 -15.59 -31.32
CA PRO B 108 -11.33 -15.44 -31.86
C PRO B 108 -10.39 -15.14 -30.70
N GLY B 109 -9.53 -16.09 -30.39
CA GLY B 109 -8.62 -15.88 -29.28
C GLY B 109 -7.36 -15.18 -29.72
N CYS B 110 -6.24 -15.56 -29.11
CA CYS B 110 -4.96 -14.99 -29.42
C CYS B 110 -3.98 -16.10 -29.16
N VAL B 111 -2.74 -15.88 -29.55
CA VAL B 111 -1.69 -16.86 -29.37
C VAL B 111 -0.69 -16.35 -28.32
N ASP B 112 -0.98 -15.19 -27.74
CA ASP B 112 -0.12 -14.62 -26.71
C ASP B 112 -0.84 -13.47 -26.03
N ALA B 113 -1.11 -13.63 -24.75
CA ALA B 113 -1.82 -12.61 -23.99
C ALA B 113 -1.24 -11.20 -24.19
N PHE B 114 0.08 -11.07 -24.02
CA PHE B 114 0.76 -9.79 -24.19
C PHE B 114 0.39 -9.20 -25.53
N GLU B 115 0.87 -9.80 -26.61
CA GLU B 115 0.58 -9.32 -27.96
C GLU B 115 -0.85 -8.83 -28.03
N GLN B 116 -1.75 -9.65 -27.54
CA GLN B 116 -3.17 -9.32 -27.56
C GLN B 116 -3.42 -8.00 -26.82
N GLY B 117 -2.78 -7.84 -25.66
CA GLY B 117 -2.94 -6.62 -24.90
C GLY B 117 -2.52 -5.47 -25.79
N VAL B 118 -1.34 -5.61 -26.40
CA VAL B 118 -0.83 -4.58 -27.29
C VAL B 118 -1.90 -4.23 -28.31
N ARG B 119 -2.43 -5.25 -28.95
CA ARG B 119 -3.46 -5.07 -29.96
C ARG B 119 -4.69 -4.33 -29.45
N ALA B 120 -5.14 -4.69 -28.26
CA ALA B 120 -6.30 -4.07 -27.65
C ALA B 120 -6.04 -2.59 -27.49
N ILE B 121 -4.82 -2.25 -27.08
CA ILE B 121 -4.46 -0.86 -26.89
C ILE B 121 -4.37 -0.15 -28.23
N LEU B 122 -3.54 -0.66 -29.14
CA LEU B 122 -3.41 -0.02 -30.42
C LEU B 122 -4.72 0.08 -31.19
N GLY B 123 -5.65 -0.82 -30.89
CA GLY B 123 -6.92 -0.80 -31.57
C GLY B 123 -7.92 0.19 -31.01
N GLN B 124 -7.47 1.01 -30.07
CA GLN B 124 -8.33 2.02 -29.45
C GLN B 124 -8.59 3.22 -30.33
N LEU B 125 -9.85 3.65 -30.33
CA LEU B 125 -10.29 4.84 -31.06
C LEU B 125 -10.18 4.84 -32.59
N VAL B 126 -9.34 3.97 -33.14
CA VAL B 126 -9.16 3.90 -34.58
C VAL B 126 -9.93 2.74 -35.20
N SER B 127 -9.97 2.67 -36.53
CA SER B 127 -10.67 1.58 -37.21
C SER B 127 -9.78 0.33 -37.23
N VAL B 128 -10.42 -0.83 -37.43
CA VAL B 128 -9.70 -2.09 -37.49
C VAL B 128 -8.52 -1.98 -38.45
N ALA B 129 -8.72 -1.28 -39.56
CA ALA B 129 -7.65 -1.09 -40.54
C ALA B 129 -6.46 -0.32 -39.96
N MET B 130 -6.74 0.82 -39.34
CA MET B 130 -5.70 1.64 -38.73
C MET B 130 -4.85 0.79 -37.80
N ALA B 131 -5.53 0.15 -36.84
CA ALA B 131 -4.89 -0.71 -35.86
C ALA B 131 -3.94 -1.69 -36.51
N ALA B 132 -4.41 -2.34 -37.57
CA ALA B 132 -3.59 -3.31 -38.28
C ALA B 132 -2.30 -2.68 -38.78
N LYS B 133 -2.41 -1.59 -39.55
CA LYS B 133 -1.19 -0.96 -40.04
C LYS B 133 -0.41 -0.35 -38.88
N LEU B 134 -1.12 0.17 -37.90
CA LEU B 134 -0.48 0.75 -36.73
C LEU B 134 0.40 -0.34 -36.14
N THR B 135 -0.24 -1.44 -35.73
CA THR B 135 0.47 -2.59 -35.17
C THR B 135 1.61 -3.05 -36.06
N ALA B 136 1.35 -3.16 -37.35
CA ALA B 136 2.37 -3.60 -38.29
C ALA B 136 3.64 -2.80 -38.12
N ARG B 137 3.52 -1.49 -38.05
CA ARG B 137 4.68 -0.62 -37.89
C ARG B 137 5.44 -0.94 -36.62
N VAL B 138 4.70 -1.24 -35.57
CA VAL B 138 5.32 -1.58 -34.30
C VAL B 138 6.13 -2.87 -34.44
N ALA B 139 5.54 -3.86 -35.10
CA ALA B 139 6.19 -5.14 -35.27
C ALA B 139 7.46 -5.01 -36.10
N GLN B 140 7.39 -4.28 -37.22
CA GLN B 140 8.55 -4.13 -38.10
C GLN B 140 9.72 -3.44 -37.40
N LEU B 141 9.43 -2.72 -36.33
CA LEU B 141 10.48 -1.99 -35.61
C LEU B 141 11.14 -2.72 -34.45
N TYR B 142 10.35 -3.25 -33.52
CA TYR B 142 10.91 -3.94 -32.37
C TYR B 142 10.79 -5.46 -32.48
N GLY B 143 10.48 -5.93 -33.68
CA GLY B 143 10.33 -7.36 -33.91
C GLY B 143 11.60 -8.15 -34.18
N GLU B 144 11.45 -9.46 -34.30
CA GLU B 144 12.58 -10.35 -34.55
C GLU B 144 12.35 -11.13 -35.85
N ARG B 145 12.81 -10.57 -36.97
CA ARG B 145 12.64 -11.21 -38.26
C ARG B 145 13.22 -12.62 -38.27
N LEU B 146 12.48 -13.54 -38.86
CA LEU B 146 12.87 -14.95 -38.96
C LEU B 146 13.85 -15.20 -40.12
N ASP B 147 14.92 -15.94 -39.85
CA ASP B 147 15.90 -16.24 -40.90
C ASP B 147 15.36 -17.25 -41.89
N ASP B 148 14.77 -18.33 -41.39
CA ASP B 148 14.22 -19.38 -42.23
C ASP B 148 13.16 -18.87 -43.22
N PHE B 149 12.41 -17.84 -42.84
CA PHE B 149 11.34 -17.28 -43.67
C PHE B 149 11.29 -15.76 -43.46
N PRO B 150 12.26 -15.05 -44.05
CA PRO B 150 12.44 -13.60 -43.99
C PRO B 150 11.24 -12.67 -44.16
N GLU B 151 10.17 -13.11 -44.80
CA GLU B 151 9.05 -12.18 -44.93
C GLU B 151 8.24 -12.11 -43.64
N TYR B 152 8.63 -12.94 -42.67
CA TYR B 152 7.97 -13.03 -41.38
C TYR B 152 8.79 -12.51 -40.18
N ILE B 153 8.12 -11.78 -39.30
CA ILE B 153 8.77 -11.25 -38.12
C ILE B 153 7.97 -11.46 -36.84
N CYS B 154 8.62 -12.06 -35.86
CA CYS B 154 7.99 -12.36 -34.59
C CYS B 154 7.56 -11.11 -33.85
N PHE B 155 6.29 -11.08 -33.45
CA PHE B 155 5.75 -9.96 -32.72
C PHE B 155 6.73 -9.60 -31.59
N PRO B 156 7.03 -8.31 -31.41
CA PRO B 156 7.98 -7.88 -30.37
C PRO B 156 7.76 -8.40 -28.96
N THR B 157 8.85 -8.76 -28.30
CA THR B 157 8.80 -9.28 -26.94
C THR B 157 8.69 -8.16 -25.90
N PRO B 158 8.19 -8.48 -24.70
CA PRO B 158 8.04 -7.50 -23.63
C PRO B 158 9.35 -6.76 -23.36
N GLN B 159 10.42 -7.51 -23.14
CA GLN B 159 11.72 -6.91 -22.86
C GLN B 159 12.04 -5.87 -23.92
N ARG B 160 11.68 -6.17 -25.15
CA ARG B 160 11.95 -5.24 -26.24
C ARG B 160 11.13 -3.95 -26.14
N LEU B 161 9.82 -4.06 -26.00
CA LEU B 161 8.93 -2.90 -25.90
C LEU B 161 9.06 -2.14 -24.58
N ALA B 162 9.47 -2.83 -23.53
CA ALA B 162 9.61 -2.17 -22.26
C ALA B 162 10.72 -1.13 -22.42
N ALA B 163 11.73 -1.49 -23.21
CA ALA B 163 12.88 -0.65 -23.46
C ALA B 163 12.84 0.17 -24.73
N ALA B 164 11.66 0.59 -25.15
CA ALA B 164 11.57 1.39 -26.35
C ALA B 164 11.38 2.83 -25.92
N ASP B 165 11.90 3.75 -26.73
CA ASP B 165 11.74 5.16 -26.42
C ASP B 165 10.34 5.56 -26.80
N PRO B 166 9.52 5.95 -25.82
CA PRO B 166 8.14 6.36 -26.05
C PRO B 166 7.93 7.38 -27.17
N GLN B 167 9.00 8.04 -27.59
CA GLN B 167 8.86 9.02 -28.65
C GLN B 167 8.98 8.33 -30.02
N ALA B 168 9.67 7.18 -30.06
CA ALA B 168 9.83 6.43 -31.32
C ALA B 168 8.50 5.91 -31.78
N LEU B 169 7.72 5.43 -30.82
CA LEU B 169 6.38 4.91 -31.07
C LEU B 169 5.44 6.04 -31.43
N LYS B 170 5.56 7.16 -30.73
CA LYS B 170 4.72 8.32 -31.00
C LYS B 170 4.83 8.62 -32.49
N ALA B 171 6.05 8.45 -33.00
CA ALA B 171 6.33 8.66 -34.40
C ALA B 171 5.55 7.69 -35.29
N LEU B 172 5.59 6.39 -34.98
CA LEU B 172 4.88 5.39 -35.77
C LEU B 172 3.43 5.83 -36.02
N GLY B 173 2.94 6.71 -35.17
CA GLY B 173 1.59 7.18 -35.38
C GLY B 173 0.62 7.00 -34.23
N MET B 174 1.03 7.36 -33.03
CA MET B 174 0.12 7.21 -31.91
C MET B 174 0.43 8.23 -30.83
N PRO B 175 -0.60 8.67 -30.09
CA PRO B 175 -0.47 9.65 -29.02
C PRO B 175 0.66 9.22 -28.07
N LEU B 176 1.19 10.15 -27.29
CA LEU B 176 2.27 9.76 -26.39
C LEU B 176 1.78 8.92 -25.22
N LYS B 177 0.50 8.98 -24.94
CA LYS B 177 -0.02 8.19 -23.83
C LYS B 177 -0.31 6.75 -24.25
N ARG B 178 -0.71 6.59 -25.50
CA ARG B 178 -0.99 5.28 -26.09
C ARG B 178 0.33 4.51 -26.15
N ALA B 179 1.41 5.26 -26.24
CA ALA B 179 2.77 4.71 -26.32
C ALA B 179 3.29 4.31 -24.94
N GLU B 180 3.08 5.15 -23.95
CA GLU B 180 3.55 4.85 -22.61
C GLU B 180 2.76 3.66 -22.09
N ALA B 181 1.56 3.51 -22.65
CA ALA B 181 0.67 2.41 -22.29
C ALA B 181 1.35 1.10 -22.67
N LEU B 182 1.97 1.08 -23.85
CA LEU B 182 2.65 -0.11 -24.29
C LEU B 182 3.87 -0.35 -23.41
N ILE B 183 4.66 0.69 -23.17
CA ILE B 183 5.85 0.55 -22.33
C ILE B 183 5.45 0.02 -20.96
N HIS B 184 4.28 0.43 -20.49
CA HIS B 184 3.82 -0.04 -19.19
C HIS B 184 3.36 -1.47 -19.25
N LEU B 185 2.49 -1.77 -20.21
CA LEU B 185 1.99 -3.12 -20.37
C LEU B 185 3.19 -4.07 -20.42
N ALA B 186 4.19 -3.67 -21.21
CA ALA B 186 5.39 -4.48 -21.38
C ALA B 186 6.15 -4.70 -20.09
N ASN B 187 6.17 -3.72 -19.21
CA ASN B 187 6.88 -3.88 -17.96
C ASN B 187 6.13 -4.85 -17.06
N ALA B 188 4.82 -4.64 -16.98
CA ALA B 188 3.98 -5.52 -16.18
C ALA B 188 4.30 -6.95 -16.60
N ALA B 189 4.30 -7.19 -17.91
CA ALA B 189 4.59 -8.49 -18.52
C ALA B 189 5.94 -9.06 -18.13
N LEU B 190 6.94 -8.19 -18.08
CA LEU B 190 8.28 -8.64 -17.70
C LEU B 190 8.28 -9.17 -16.31
N GLU B 191 7.43 -8.61 -15.45
CA GLU B 191 7.40 -9.09 -14.08
C GLU B 191 6.20 -9.95 -13.66
N GLY B 192 5.34 -10.33 -14.61
CA GLY B 192 4.22 -11.19 -14.26
C GLY B 192 2.94 -10.56 -13.76
N THR B 193 2.88 -9.24 -13.82
CA THR B 193 1.70 -8.51 -13.37
C THR B 193 0.55 -8.61 -14.36
N LEU B 194 0.88 -8.96 -15.59
CA LEU B 194 -0.11 -9.11 -16.65
C LEU B 194 -0.49 -10.59 -16.73
N PRO B 195 -1.73 -10.91 -16.33
CA PRO B 195 -2.18 -12.30 -16.37
C PRO B 195 -2.07 -12.82 -17.79
N MET B 196 -1.19 -13.79 -18.00
CA MET B 196 -1.01 -14.34 -19.33
C MET B 196 -2.01 -15.46 -19.55
N THR B 197 -2.88 -15.64 -18.57
CA THR B 197 -3.89 -16.69 -18.66
C THR B 197 -5.15 -16.31 -17.87
N ILE B 198 -6.29 -16.87 -18.28
CA ILE B 198 -7.58 -16.60 -17.64
C ILE B 198 -7.48 -16.76 -16.12
N PRO B 199 -7.90 -15.73 -15.38
CA PRO B 199 -7.89 -15.76 -13.91
C PRO B 199 -9.15 -16.41 -13.31
N GLY B 200 -9.11 -16.64 -12.00
CA GLY B 200 -10.24 -17.25 -11.32
C GLY B 200 -11.32 -16.20 -11.27
N ASP B 201 -11.01 -15.05 -10.71
CA ASP B 201 -11.98 -13.98 -10.66
C ASP B 201 -11.65 -13.07 -11.82
N VAL B 202 -12.41 -13.22 -12.90
CA VAL B 202 -12.17 -12.41 -14.08
C VAL B 202 -12.57 -10.97 -13.81
N GLU B 203 -13.59 -10.79 -12.98
CA GLU B 203 -14.07 -9.46 -12.63
C GLU B 203 -12.99 -8.68 -11.86
N GLN B 204 -12.39 -9.35 -10.89
CA GLN B 204 -11.38 -8.71 -10.08
C GLN B 204 -10.10 -8.45 -10.89
N ALA B 205 -9.84 -9.29 -11.88
CA ALA B 205 -8.64 -9.10 -12.68
C ALA B 205 -8.80 -7.92 -13.61
N MET B 206 -10.02 -7.70 -14.09
CA MET B 206 -10.27 -6.58 -14.99
C MET B 206 -10.23 -5.28 -14.22
N LYS B 207 -10.75 -5.33 -13.00
CA LYS B 207 -10.77 -4.16 -12.15
C LYS B 207 -9.33 -3.74 -11.96
N THR B 208 -8.46 -4.72 -11.69
CA THR B 208 -7.03 -4.45 -11.50
C THR B 208 -6.35 -3.89 -12.77
N LEU B 209 -6.70 -4.46 -13.92
CA LEU B 209 -6.12 -4.02 -15.18
C LEU B 209 -6.34 -2.55 -15.46
N GLN B 210 -7.48 -2.02 -15.05
CA GLN B 210 -7.81 -0.62 -15.29
C GLN B 210 -6.94 0.35 -14.51
N THR B 211 -6.12 -0.17 -13.60
CA THR B 211 -5.22 0.71 -12.85
C THR B 211 -4.05 1.00 -13.78
N PHE B 212 -3.79 0.08 -14.70
CA PHE B 212 -2.74 0.22 -15.69
C PHE B 212 -2.99 1.51 -16.46
N PRO B 213 -1.96 2.34 -16.63
CA PRO B 213 -2.22 3.57 -17.38
C PRO B 213 -2.60 3.17 -18.80
N GLY B 214 -3.42 4.00 -19.44
CA GLY B 214 -3.80 3.69 -20.80
C GLY B 214 -4.83 2.60 -20.95
N ILE B 215 -5.18 1.94 -19.85
CA ILE B 215 -6.16 0.87 -19.92
C ILE B 215 -7.44 1.20 -19.18
N GLY B 216 -8.54 1.22 -19.93
CA GLY B 216 -9.84 1.49 -19.36
C GLY B 216 -10.71 0.24 -19.29
N ARG B 217 -11.99 0.41 -18.99
CA ARG B 217 -12.87 -0.74 -18.89
C ARG B 217 -13.09 -1.41 -20.24
N TRP B 218 -13.15 -0.61 -21.31
CA TRP B 218 -13.35 -1.16 -22.64
C TRP B 218 -12.22 -2.13 -22.97
N THR B 219 -10.99 -1.60 -22.94
CA THR B 219 -9.77 -2.35 -23.21
C THR B 219 -9.67 -3.54 -22.27
N ALA B 220 -9.89 -3.29 -20.97
CA ALA B 220 -9.81 -4.35 -19.99
C ALA B 220 -10.76 -5.48 -20.37
N ASN B 221 -11.91 -5.15 -20.94
CA ASN B 221 -12.87 -6.16 -21.34
C ASN B 221 -12.43 -6.85 -22.61
N TYR B 222 -12.22 -6.04 -23.66
CA TYR B 222 -11.80 -6.60 -24.93
C TYR B 222 -10.63 -7.53 -24.69
N PHE B 223 -9.80 -7.18 -23.72
CA PHE B 223 -8.64 -7.97 -23.39
C PHE B 223 -9.03 -9.31 -22.75
N ALA B 224 -9.98 -9.28 -21.83
CA ALA B 224 -10.44 -10.51 -21.19
C ALA B 224 -11.00 -11.43 -22.29
N LEU B 225 -11.70 -10.83 -23.24
CA LEU B 225 -12.29 -11.57 -24.35
C LEU B 225 -11.30 -12.32 -25.24
N ARG B 226 -10.42 -11.59 -25.94
CA ARG B 226 -9.45 -12.24 -26.82
C ARG B 226 -8.21 -12.76 -26.11
N GLY B 227 -7.72 -12.00 -25.13
CA GLY B 227 -6.52 -12.40 -24.41
C GLY B 227 -6.68 -13.59 -23.50
N TRP B 228 -7.77 -13.63 -22.73
CA TRP B 228 -8.02 -14.74 -21.81
C TRP B 228 -9.13 -15.64 -22.31
N GLN B 229 -9.76 -15.25 -23.42
CA GLN B 229 -10.88 -16.00 -23.97
C GLN B 229 -11.92 -16.25 -22.91
N ALA B 230 -12.19 -15.23 -22.10
CA ALA B 230 -13.21 -15.31 -21.08
C ALA B 230 -14.52 -15.42 -21.87
N LYS B 231 -15.37 -16.34 -21.48
CA LYS B 231 -16.62 -16.55 -22.17
C LYS B 231 -17.82 -15.76 -21.65
N ASP B 232 -17.64 -15.06 -20.55
CA ASP B 232 -18.78 -14.32 -20.01
C ASP B 232 -18.64 -12.80 -19.90
N VAL B 233 -17.87 -12.19 -20.80
CA VAL B 233 -17.71 -10.74 -20.75
C VAL B 233 -18.54 -10.10 -21.87
N PHE B 234 -18.94 -8.85 -21.67
CA PHE B 234 -19.72 -8.13 -22.68
C PHE B 234 -19.03 -6.78 -22.79
N LEU B 235 -19.25 -6.06 -23.87
CA LEU B 235 -18.62 -4.76 -24.01
C LEU B 235 -19.65 -3.63 -24.11
N PRO B 236 -20.30 -3.31 -22.99
CA PRO B 236 -21.31 -2.24 -22.97
C PRO B 236 -20.78 -0.84 -23.35
N ASP B 237 -19.48 -0.73 -23.56
CA ASP B 237 -18.87 0.55 -23.90
C ASP B 237 -18.35 0.62 -25.33
N ASP B 238 -18.58 -0.45 -26.09
CA ASP B 238 -18.13 -0.52 -27.47
C ASP B 238 -18.96 0.41 -28.34
N TYR B 239 -18.30 1.16 -29.21
CA TYR B 239 -19.02 2.07 -30.09
C TYR B 239 -20.19 1.34 -30.75
N LEU B 240 -19.88 0.22 -31.40
CA LEU B 240 -20.88 -0.58 -32.10
C LEU B 240 -21.94 -1.15 -31.17
N ILE B 241 -21.54 -1.69 -30.03
CA ILE B 241 -22.52 -2.21 -29.10
C ILE B 241 -23.54 -1.14 -28.76
N LYS B 242 -23.07 0.06 -28.45
CA LYS B 242 -23.98 1.16 -28.12
C LYS B 242 -24.99 1.41 -29.24
N GLN B 243 -24.56 1.19 -30.48
CA GLN B 243 -25.42 1.36 -31.63
C GLN B 243 -26.46 0.24 -31.70
N ARG B 244 -26.05 -0.98 -31.36
CA ARG B 244 -26.94 -2.14 -31.37
C ARG B 244 -27.98 -2.02 -30.26
N PHE B 245 -27.66 -1.19 -29.26
CA PHE B 245 -28.56 -0.91 -28.13
C PHE B 245 -28.73 0.60 -28.13
N PRO B 246 -29.59 1.13 -29.03
CA PRO B 246 -29.78 2.59 -29.08
C PRO B 246 -30.55 3.15 -27.88
N GLY B 247 -30.06 4.28 -27.36
CA GLY B 247 -30.70 4.92 -26.23
C GLY B 247 -30.65 4.17 -24.91
N MET B 248 -29.55 3.46 -24.68
CA MET B 248 -29.37 2.71 -23.43
C MET B 248 -27.99 3.03 -22.92
N THR B 249 -27.92 3.42 -21.64
CA THR B 249 -26.65 3.75 -21.00
C THR B 249 -25.91 2.44 -20.74
N PRO B 250 -24.59 2.48 -20.66
CA PRO B 250 -23.82 1.26 -20.42
C PRO B 250 -24.42 0.34 -19.35
N ALA B 251 -24.85 0.91 -18.24
CA ALA B 251 -25.42 0.10 -17.18
C ALA B 251 -26.70 -0.59 -17.60
N GLN B 252 -27.44 0.02 -18.52
CA GLN B 252 -28.68 -0.58 -18.99
C GLN B 252 -28.36 -1.73 -19.92
N ILE B 253 -27.51 -1.47 -20.92
CA ILE B 253 -27.09 -2.50 -21.87
C ILE B 253 -26.62 -3.67 -21.02
N ARG B 254 -25.69 -3.35 -20.14
CA ARG B 254 -25.10 -4.32 -19.24
C ARG B 254 -26.14 -5.22 -18.56
N ARG B 255 -27.20 -4.64 -18.02
CA ARG B 255 -28.23 -5.44 -17.35
C ARG B 255 -29.04 -6.30 -18.30
N TYR B 256 -29.34 -5.78 -19.49
CA TYR B 256 -30.11 -6.54 -20.48
C TYR B 256 -29.34 -7.80 -20.82
N ALA B 257 -28.06 -7.62 -21.15
CA ALA B 257 -27.16 -8.71 -21.52
C ALA B 257 -27.03 -9.82 -20.48
N GLU B 258 -27.44 -9.55 -19.23
CA GLU B 258 -27.31 -10.55 -18.17
C GLU B 258 -28.13 -11.80 -18.48
N ARG B 259 -28.96 -11.69 -19.49
CA ARG B 259 -29.82 -12.80 -19.90
C ARG B 259 -29.08 -13.83 -20.75
N TRP B 260 -27.80 -13.58 -21.05
CA TRP B 260 -27.04 -14.51 -21.87
C TRP B 260 -25.87 -15.21 -21.19
N LYS B 261 -25.80 -15.09 -19.88
CA LYS B 261 -24.72 -15.73 -19.18
C LYS B 261 -25.03 -17.21 -18.99
N PRO B 262 -24.00 -18.04 -18.74
CA PRO B 262 -22.60 -17.60 -18.65
C PRO B 262 -21.90 -17.49 -20.00
N TRP B 263 -22.62 -17.15 -21.05
CA TRP B 263 -21.99 -17.05 -22.34
C TRP B 263 -22.13 -15.65 -22.97
N ARG B 264 -21.93 -14.62 -22.16
CA ARG B 264 -22.07 -13.27 -22.68
C ARG B 264 -21.06 -12.89 -23.73
N SER B 265 -19.95 -13.62 -23.79
CA SER B 265 -18.91 -13.34 -24.79
C SER B 265 -19.40 -13.70 -26.19
N TYR B 266 -20.11 -14.82 -26.28
CA TYR B 266 -20.64 -15.27 -27.55
C TYR B 266 -21.75 -14.33 -27.99
N ALA B 267 -22.69 -14.09 -27.09
CA ALA B 267 -23.80 -13.19 -27.37
C ALA B 267 -23.24 -11.94 -28.00
N LEU B 268 -22.21 -11.39 -27.37
CA LEU B 268 -21.58 -10.17 -27.87
C LEU B 268 -21.28 -10.27 -29.36
N LEU B 269 -20.51 -11.30 -29.68
CA LEU B 269 -20.11 -11.56 -31.05
C LEU B 269 -21.32 -11.56 -31.93
N HIS B 270 -22.24 -12.51 -31.69
CA HIS B 270 -23.47 -12.61 -32.47
C HIS B 270 -24.07 -11.24 -32.74
N ILE B 271 -24.27 -10.46 -31.67
CA ILE B 271 -24.84 -9.12 -31.75
C ILE B 271 -23.97 -8.20 -32.62
N TRP B 272 -22.68 -8.25 -32.40
CA TRP B 272 -21.75 -7.44 -33.16
C TRP B 272 -21.95 -7.66 -34.65
N TYR B 273 -22.14 -8.92 -35.04
CA TYR B 273 -22.31 -9.26 -36.45
C TYR B 273 -23.76 -9.42 -36.91
N THR B 274 -24.55 -8.39 -36.66
CA THR B 274 -25.95 -8.39 -37.03
C THR B 274 -26.48 -6.96 -37.13
N GLU B 275 -26.40 -6.42 -38.34
CA GLU B 275 -26.81 -5.04 -38.61
C GLU B 275 -28.08 -4.57 -37.92
N GLY B 276 -29.22 -5.01 -38.43
CA GLY B 276 -30.47 -4.57 -37.86
C GLY B 276 -30.84 -5.27 -36.58
N TRP B 277 -29.86 -5.58 -35.74
CA TRP B 277 -30.19 -6.24 -34.50
C TRP B 277 -30.61 -5.16 -33.55
N GLN B 278 -31.56 -5.49 -32.68
CA GLN B 278 -32.05 -4.56 -31.67
C GLN B 278 -32.78 -5.36 -30.62
N PRO B 279 -32.62 -4.97 -29.35
CA PRO B 279 -33.27 -5.64 -28.23
C PRO B 279 -34.77 -5.67 -28.35
N ASP B 280 -35.39 -6.64 -27.67
CA ASP B 280 -36.84 -6.79 -27.70
C ASP B 280 -37.50 -5.62 -26.97
N GLU B 281 -38.34 -4.89 -27.69
CA GLU B 281 -39.05 -3.72 -27.14
C GLU B 281 -39.71 -3.94 -25.79
N ALA B 282 -40.34 -5.10 -25.62
CA ALA B 282 -41.04 -5.44 -24.38
C ALA B 282 -40.12 -5.32 -23.15
N MET C 1 -2.45 -42.85 -27.25
CA MET C 1 -3.39 -42.23 -28.22
C MET C 1 -2.92 -40.82 -28.68
N TYR C 2 -1.74 -40.41 -28.24
CA TYR C 2 -1.13 -39.11 -28.58
C TYR C 2 0.38 -39.24 -28.39
N THR C 3 1.14 -38.65 -29.30
CA THR C 3 2.59 -38.72 -29.15
C THR C 3 3.33 -37.40 -29.25
N LEU C 4 4.36 -37.29 -28.41
CA LEU C 4 5.24 -36.13 -28.33
C LEU C 4 6.61 -36.74 -28.16
N ASN C 5 7.54 -36.43 -29.07
CA ASN C 5 8.86 -37.01 -28.97
C ASN C 5 9.82 -36.14 -28.17
N TRP C 6 11.02 -36.67 -27.92
CA TRP C 6 12.03 -35.97 -27.15
C TRP C 6 13.43 -36.33 -27.66
N GLN C 7 14.40 -35.47 -27.36
CA GLN C 7 15.78 -35.69 -27.77
C GLN C 7 16.49 -36.52 -26.70
N PRO C 8 17.24 -37.55 -27.12
CA PRO C 8 17.97 -38.41 -26.18
C PRO C 8 19.29 -37.78 -25.69
N PRO C 9 19.78 -38.18 -24.52
CA PRO C 9 19.17 -39.19 -23.65
C PRO C 9 18.09 -38.59 -22.76
N TYR C 10 17.28 -39.46 -22.17
CA TYR C 10 16.22 -39.04 -21.26
C TYR C 10 16.16 -40.09 -20.16
N ASP C 11 16.64 -39.71 -18.98
CA ASP C 11 16.65 -40.61 -17.84
C ASP C 11 15.24 -40.70 -17.22
N TRP C 12 14.45 -41.66 -17.69
CA TRP C 12 13.09 -41.83 -17.19
C TRP C 12 13.00 -42.47 -15.81
N SER C 13 13.92 -43.37 -15.49
CA SER C 13 13.88 -43.99 -14.18
C SER C 13 14.08 -42.88 -13.15
N TRP C 14 14.77 -41.82 -13.55
CA TRP C 14 15.04 -40.69 -12.67
C TRP C 14 13.88 -39.69 -12.61
N MET C 15 13.28 -39.42 -13.76
CA MET C 15 12.16 -38.49 -13.81
C MET C 15 11.02 -39.03 -12.96
N LEU C 16 10.61 -40.26 -13.24
CA LEU C 16 9.52 -40.91 -12.51
C LEU C 16 9.81 -41.07 -11.02
N GLY C 17 11.03 -41.44 -10.68
CA GLY C 17 11.37 -41.61 -9.29
C GLY C 17 11.16 -40.34 -8.51
N PHE C 18 11.55 -39.23 -9.12
CA PHE C 18 11.42 -37.91 -8.53
C PHE C 18 9.95 -37.63 -8.34
N LEU C 19 9.20 -37.77 -9.42
CA LEU C 19 7.78 -37.50 -9.37
C LEU C 19 7.08 -38.48 -8.46
N ALA C 20 7.80 -39.52 -8.04
CA ALA C 20 7.22 -40.54 -7.16
C ALA C 20 7.31 -40.16 -5.70
N ALA C 21 8.48 -39.69 -5.27
CA ALA C 21 8.68 -39.28 -3.88
C ALA C 21 7.76 -38.14 -3.52
N ARG C 22 7.47 -37.33 -4.54
CA ARG C 22 6.65 -36.14 -4.34
C ARG C 22 5.22 -36.36 -4.78
N ALA C 23 4.93 -37.57 -5.22
CA ALA C 23 3.58 -37.91 -5.67
C ALA C 23 2.57 -37.77 -4.54
N VAL C 24 1.44 -37.18 -4.87
CA VAL C 24 0.35 -36.94 -3.94
C VAL C 24 -0.76 -37.97 -4.08
N SER C 25 -1.03 -38.69 -2.99
CA SER C 25 -2.06 -39.70 -2.98
C SER C 25 -3.43 -39.19 -3.43
N SER C 26 -4.08 -40.02 -4.24
CA SER C 26 -5.40 -39.74 -4.82
C SER C 26 -5.42 -38.73 -5.95
N VAL C 27 -4.24 -38.19 -6.29
CA VAL C 27 -4.11 -37.23 -7.38
C VAL C 27 -3.11 -37.77 -8.42
N GLU C 28 -2.05 -38.43 -7.95
CA GLU C 28 -1.04 -38.98 -8.85
C GLU C 28 -0.79 -40.47 -8.65
N THR C 29 -0.44 -41.16 -9.72
CA THR C 29 -0.10 -42.59 -9.68
C THR C 29 1.22 -42.71 -10.43
N VAL C 30 2.26 -43.18 -9.76
CA VAL C 30 3.57 -43.32 -10.39
C VAL C 30 4.19 -44.71 -10.31
N ALA C 31 4.44 -45.31 -11.47
CA ALA C 31 5.04 -46.63 -11.56
C ALA C 31 6.39 -46.62 -12.29
N ASP C 32 6.94 -47.80 -12.52
CA ASP C 32 8.22 -47.94 -13.19
C ASP C 32 8.15 -47.57 -14.67
N SER C 33 6.96 -47.67 -15.25
CA SER C 33 6.80 -47.37 -16.68
C SER C 33 5.83 -46.25 -17.08
N TYR C 34 5.01 -45.78 -16.15
CA TYR C 34 4.06 -44.72 -16.51
C TYR C 34 3.73 -43.76 -15.35
N TYR C 35 3.16 -42.62 -15.72
CA TYR C 35 2.77 -41.56 -14.78
C TYR C 35 1.30 -41.25 -15.06
N ALA C 36 0.51 -41.05 -14.01
CA ALA C 36 -0.90 -40.73 -14.20
C ALA C 36 -1.43 -39.81 -13.11
N ARG C 37 -2.35 -38.94 -13.49
CA ARG C 37 -2.90 -38.03 -12.52
C ARG C 37 -4.21 -37.42 -12.98
N SER C 38 -4.94 -36.88 -12.01
CA SER C 38 -6.19 -36.21 -12.30
C SER C 38 -5.72 -34.89 -12.86
N LEU C 39 -6.54 -34.26 -13.70
CA LEU C 39 -6.17 -33.00 -14.29
C LEU C 39 -7.42 -32.23 -14.62
N ALA C 40 -7.36 -30.93 -14.35
CA ALA C 40 -8.50 -30.09 -14.63
C ALA C 40 -7.99 -28.83 -15.31
N VAL C 41 -8.67 -28.48 -16.39
CA VAL C 41 -8.33 -27.28 -17.12
C VAL C 41 -9.65 -26.52 -17.20
N GLY C 42 -9.90 -25.76 -16.14
CA GLY C 42 -11.11 -24.99 -16.03
C GLY C 42 -12.22 -25.92 -15.58
N GLU C 43 -13.25 -26.05 -16.40
CA GLU C 43 -14.35 -26.93 -16.06
C GLU C 43 -14.18 -28.30 -16.73
N TYR C 44 -13.04 -28.48 -17.38
CA TYR C 44 -12.76 -29.75 -18.06
C TYR C 44 -12.02 -30.67 -17.10
N ARG C 45 -12.54 -31.86 -16.88
CA ARG C 45 -11.92 -32.78 -15.93
C ARG C 45 -11.54 -34.10 -16.57
N GLY C 46 -10.70 -34.89 -15.89
CA GLY C 46 -10.28 -36.16 -16.44
C GLY C 46 -8.91 -36.63 -16.00
N VAL C 47 -8.53 -37.84 -16.36
CA VAL C 47 -7.22 -38.36 -15.98
C VAL C 47 -6.26 -38.32 -17.17
N VAL C 48 -4.97 -38.13 -16.88
CA VAL C 48 -3.95 -38.09 -17.91
C VAL C 48 -3.00 -39.25 -17.67
N THR C 49 -2.58 -39.90 -18.73
CA THR C 49 -1.64 -41.00 -18.58
C THR C 49 -0.48 -40.78 -19.51
N ALA C 50 0.72 -40.87 -18.96
CA ALA C 50 1.94 -40.66 -19.74
C ALA C 50 2.74 -41.94 -19.79
N ILE C 51 2.97 -42.42 -21.01
CA ILE C 51 3.75 -43.64 -21.20
C ILE C 51 4.93 -43.44 -22.13
N PRO C 52 6.13 -43.38 -21.54
CA PRO C 52 7.34 -43.18 -22.34
C PRO C 52 7.67 -44.41 -23.18
N ASP C 53 8.03 -44.16 -24.44
CA ASP C 53 8.43 -45.19 -25.39
C ASP C 53 9.91 -44.97 -25.63
N ILE C 54 10.74 -45.37 -24.67
CA ILE C 54 12.16 -45.17 -24.76
C ILE C 54 12.75 -45.52 -26.10
N ALA C 55 12.36 -46.68 -26.62
CA ALA C 55 12.86 -47.16 -27.90
C ALA C 55 12.80 -46.10 -28.99
N ARG C 56 11.65 -45.43 -29.08
CA ARG C 56 11.47 -44.43 -30.12
C ARG C 56 11.42 -43.02 -29.59
N HIS C 57 12.07 -42.80 -28.44
CA HIS C 57 12.11 -41.50 -27.78
C HIS C 57 10.88 -40.63 -28.07
N THR C 58 9.72 -41.20 -27.74
CA THR C 58 8.45 -40.53 -27.91
C THR C 58 7.64 -40.83 -26.66
N LEU C 59 6.86 -39.85 -26.21
CA LEU C 59 6.03 -40.01 -25.03
C LEU C 59 4.57 -40.20 -25.44
N HIS C 60 3.94 -41.24 -24.89
CA HIS C 60 2.56 -41.52 -25.23
C HIS C 60 1.63 -41.03 -24.15
N ILE C 61 0.85 -40.02 -24.54
CA ILE C 61 -0.10 -39.37 -23.66
C ILE C 61 -1.51 -39.83 -23.97
N ASN C 62 -2.23 -40.28 -22.94
CA ASN C 62 -3.61 -40.67 -23.14
C ASN C 62 -4.45 -39.73 -22.29
N LEU C 63 -5.60 -39.34 -22.81
CA LEU C 63 -6.47 -38.44 -22.10
C LEU C 63 -7.88 -38.97 -21.91
N SER C 64 -8.37 -38.89 -20.67
CA SER C 64 -9.73 -39.29 -20.34
C SER C 64 -10.68 -38.44 -21.22
N ALA C 65 -11.85 -38.95 -21.52
CA ALA C 65 -12.80 -38.24 -22.38
C ALA C 65 -13.08 -36.78 -22.03
N GLY C 66 -13.21 -36.50 -20.72
CA GLY C 66 -13.52 -35.15 -20.28
C GLY C 66 -12.53 -34.05 -20.61
N LEU C 67 -11.28 -34.41 -20.91
CA LEU C 67 -10.24 -33.45 -21.21
C LEU C 67 -9.96 -33.25 -22.70
N GLU C 68 -10.60 -34.06 -23.53
CA GLU C 68 -10.40 -33.98 -24.97
C GLU C 68 -10.78 -32.63 -25.60
N PRO C 69 -11.69 -31.85 -24.98
CA PRO C 69 -12.00 -30.58 -25.63
C PRO C 69 -10.85 -29.61 -25.42
N VAL C 70 -9.88 -30.05 -24.63
CA VAL C 70 -8.69 -29.25 -24.31
C VAL C 70 -7.42 -30.10 -24.36
N ALA C 71 -7.33 -30.97 -25.36
CA ALA C 71 -6.16 -31.85 -25.52
C ALA C 71 -4.82 -31.12 -25.69
N ALA C 72 -4.82 -30.10 -26.55
CA ALA C 72 -3.62 -29.31 -26.80
C ALA C 72 -3.03 -28.78 -25.49
N GLU C 73 -3.87 -28.11 -24.70
CA GLU C 73 -3.47 -27.58 -23.40
C GLU C 73 -2.94 -28.66 -22.49
N CYS C 74 -3.59 -29.80 -22.51
CA CYS C 74 -3.14 -30.91 -21.68
C CYS C 74 -1.78 -31.35 -22.15
N LEU C 75 -1.63 -31.47 -23.45
CA LEU C 75 -0.34 -31.88 -24.01
C LEU C 75 0.76 -30.88 -23.60
N ALA C 76 0.44 -29.60 -23.65
CA ALA C 76 1.39 -28.56 -23.28
C ALA C 76 1.77 -28.71 -21.84
N LYS C 77 0.79 -28.96 -20.98
CA LYS C 77 1.09 -29.13 -19.55
C LYS C 77 2.02 -30.31 -19.42
N MET C 78 1.63 -31.43 -20.00
CA MET C 78 2.44 -32.64 -19.92
C MET C 78 3.87 -32.40 -20.37
N SER C 79 4.03 -31.63 -21.44
CA SER C 79 5.35 -31.35 -21.95
C SER C 79 6.19 -30.43 -21.06
N ARG C 80 5.54 -29.58 -20.26
CA ARG C 80 6.26 -28.69 -19.34
C ARG C 80 6.61 -29.47 -18.08
N LEU C 81 5.79 -30.48 -17.80
CA LEU C 81 6.02 -31.33 -16.65
C LEU C 81 7.26 -32.18 -16.91
N PHE C 82 7.43 -32.63 -18.16
CA PHE C 82 8.54 -33.49 -18.50
C PHE C 82 9.75 -32.89 -19.21
N ASP C 83 9.76 -31.57 -19.40
CA ASP C 83 10.90 -30.89 -20.03
C ASP C 83 11.29 -31.57 -21.34
N LEU C 84 10.32 -31.72 -22.24
CA LEU C 84 10.56 -32.36 -23.53
C LEU C 84 11.28 -31.44 -24.49
N GLN C 85 11.38 -30.16 -24.15
CA GLN C 85 12.05 -29.22 -25.04
C GLN C 85 13.54 -29.30 -24.85
N CYS C 86 13.94 -29.78 -23.68
CA CYS C 86 15.34 -29.86 -23.35
C CYS C 86 16.19 -30.44 -24.46
N ASN C 87 17.38 -29.87 -24.61
CA ASN C 87 18.34 -30.33 -25.58
C ASN C 87 19.51 -30.84 -24.76
N PRO C 88 19.56 -32.15 -24.51
CA PRO C 88 20.67 -32.67 -23.70
C PRO C 88 22.05 -32.17 -24.14
N GLN C 89 22.24 -31.98 -25.45
CA GLN C 89 23.51 -31.51 -25.98
C GLN C 89 23.94 -30.14 -25.48
N ILE C 90 23.04 -29.18 -25.61
CA ILE C 90 23.34 -27.82 -25.18
C ILE C 90 23.60 -27.71 -23.67
N VAL C 91 22.76 -28.33 -22.86
CA VAL C 91 22.96 -28.25 -21.41
C VAL C 91 24.21 -29.02 -21.03
N ASN C 92 24.36 -30.24 -21.53
CA ASN C 92 25.53 -31.02 -21.19
C ASN C 92 26.83 -30.47 -21.75
N GLY C 93 26.76 -29.84 -22.92
CA GLY C 93 27.97 -29.26 -23.49
C GLY C 93 28.37 -28.09 -22.62
N ALA C 94 27.38 -27.28 -22.27
CA ALA C 94 27.60 -26.12 -21.42
C ALA C 94 27.98 -26.50 -19.99
N LEU C 95 27.52 -27.66 -19.50
CA LEU C 95 27.82 -28.08 -18.14
C LEU C 95 29.11 -28.88 -17.99
N GLY C 96 29.45 -29.66 -19.02
CA GLY C 96 30.65 -30.45 -18.96
C GLY C 96 30.53 -31.69 -18.09
N ARG C 97 31.57 -31.98 -17.33
CA ARG C 97 31.62 -33.15 -16.46
C ARG C 97 30.48 -33.21 -15.46
N LEU C 98 30.04 -32.04 -14.99
CA LEU C 98 28.98 -31.95 -14.01
C LEU C 98 27.80 -32.86 -14.31
N GLY C 99 27.43 -32.93 -15.59
CA GLY C 99 26.32 -33.78 -15.97
C GLY C 99 26.69 -35.07 -16.66
N ALA C 100 27.99 -35.36 -16.76
CA ALA C 100 28.45 -36.57 -17.41
C ALA C 100 27.86 -37.82 -16.76
N ALA C 101 27.44 -37.67 -15.50
CA ALA C 101 26.84 -38.77 -14.75
C ALA C 101 25.46 -39.14 -15.31
N ARG C 102 24.56 -38.16 -15.35
CA ARG C 102 23.21 -38.40 -15.86
C ARG C 102 22.84 -37.38 -16.95
N PRO C 103 23.17 -37.66 -18.21
CA PRO C 103 22.83 -36.71 -19.28
C PRO C 103 21.33 -36.64 -19.58
N GLY C 104 20.61 -37.64 -19.11
CA GLY C 104 19.17 -37.71 -19.35
C GLY C 104 18.40 -36.92 -18.32
N LEU C 105 19.15 -36.32 -17.41
CA LEU C 105 18.62 -35.49 -16.34
C LEU C 105 17.79 -34.39 -16.97
N ARG C 106 16.55 -34.27 -16.52
CA ARG C 106 15.65 -33.23 -17.03
C ARG C 106 15.14 -32.38 -15.89
N LEU C 107 14.54 -31.24 -16.24
CA LEU C 107 14.01 -30.35 -15.23
C LEU C 107 12.55 -30.68 -15.02
N PRO C 108 12.22 -31.33 -13.90
CA PRO C 108 10.83 -31.66 -13.61
C PRO C 108 9.99 -30.44 -13.23
N GLY C 109 9.07 -30.07 -14.12
CA GLY C 109 8.22 -28.93 -13.88
C GLY C 109 6.92 -29.34 -13.21
N CYS C 110 5.83 -28.76 -13.67
CA CYS C 110 4.55 -29.08 -13.09
C CYS C 110 3.50 -29.14 -14.17
N VAL C 111 2.25 -29.17 -13.74
CA VAL C 111 1.11 -29.24 -14.63
C VAL C 111 0.23 -27.99 -14.47
N ASP C 112 0.34 -27.34 -13.32
CA ASP C 112 -0.42 -26.13 -13.03
C ASP C 112 0.44 -25.27 -12.10
N ALA C 113 0.76 -24.07 -12.56
CA ALA C 113 1.60 -23.19 -11.76
C ALA C 113 1.07 -22.91 -10.36
N PHE C 114 -0.25 -22.91 -10.18
CA PHE C 114 -0.82 -22.65 -8.87
C PHE C 114 -0.51 -23.82 -7.94
N GLU C 115 -0.88 -25.02 -8.41
CA GLU C 115 -0.63 -26.24 -7.68
C GLU C 115 0.80 -26.21 -7.16
N GLN C 116 1.76 -26.13 -8.08
CA GLN C 116 3.17 -26.08 -7.74
C GLN C 116 3.44 -25.06 -6.64
N GLY C 117 2.68 -23.97 -6.68
CA GLY C 117 2.81 -22.92 -5.68
C GLY C 117 2.41 -23.47 -4.34
N VAL C 118 1.31 -24.21 -4.33
CA VAL C 118 0.86 -24.81 -3.10
C VAL C 118 1.82 -25.92 -2.64
N ARG C 119 2.54 -26.53 -3.57
CA ARG C 119 3.45 -27.60 -3.22
C ARG C 119 4.72 -27.05 -2.58
N ALA C 120 5.23 -25.99 -3.21
CA ALA C 120 6.45 -25.33 -2.78
C ALA C 120 6.33 -24.83 -1.36
N ILE C 121 5.21 -24.18 -1.08
CA ILE C 121 4.96 -23.63 0.24
C ILE C 121 4.86 -24.75 1.23
N LEU C 122 4.21 -25.84 0.83
CA LEU C 122 4.06 -26.96 1.74
C LEU C 122 5.39 -27.67 1.86
N GLY C 123 6.10 -27.79 0.74
CA GLY C 123 7.40 -28.43 0.77
C GLY C 123 8.37 -27.71 1.70
N GLN C 124 7.86 -26.72 2.43
CA GLN C 124 8.69 -25.95 3.36
C GLN C 124 8.97 -26.71 4.66
N LEU C 125 10.25 -26.77 5.01
CA LEU C 125 10.71 -27.39 6.24
C LEU C 125 10.59 -28.91 6.32
N VAL C 126 9.36 -29.42 6.38
CA VAL C 126 9.15 -30.84 6.47
C VAL C 126 9.92 -31.58 5.37
N SER C 127 9.99 -32.90 5.49
CA SER C 127 10.68 -33.75 4.52
C SER C 127 9.79 -33.93 3.30
N VAL C 128 10.38 -34.47 2.25
CA VAL C 128 9.61 -34.69 1.04
C VAL C 128 8.45 -35.61 1.36
N ALA C 129 8.70 -36.60 2.22
CA ALA C 129 7.67 -37.57 2.59
C ALA C 129 6.54 -36.87 3.30
N MET C 130 6.92 -36.08 4.28
CA MET C 130 5.97 -35.33 5.08
C MET C 130 5.15 -34.41 4.19
N ALA C 131 5.83 -33.72 3.27
CA ALA C 131 5.17 -32.76 2.38
C ALA C 131 4.04 -33.39 1.59
N ALA C 132 4.33 -34.52 0.96
CA ALA C 132 3.35 -35.22 0.16
C ALA C 132 2.13 -35.60 1.00
N LYS C 133 2.39 -35.97 2.25
CA LYS C 133 1.32 -36.35 3.16
C LYS C 133 0.45 -35.14 3.45
N LEU C 134 1.14 -34.05 3.79
CA LEU C 134 0.47 -32.80 4.13
C LEU C 134 -0.32 -32.26 2.95
N THR C 135 0.28 -32.29 1.77
CA THR C 135 -0.38 -31.82 0.58
C THR C 135 -1.61 -32.67 0.30
N ALA C 136 -1.45 -33.98 0.35
CA ALA C 136 -2.57 -34.87 0.09
C ALA C 136 -3.75 -34.56 1.02
N ARG C 137 -3.46 -34.22 2.27
CA ARG C 137 -4.52 -33.89 3.20
C ARG C 137 -5.31 -32.69 2.76
N VAL C 138 -4.62 -31.72 2.18
CA VAL C 138 -5.33 -30.54 1.72
C VAL C 138 -6.20 -30.94 0.53
N ALA C 139 -5.65 -31.71 -0.40
CA ALA C 139 -6.40 -32.14 -1.56
C ALA C 139 -7.67 -32.89 -1.14
N GLN C 140 -7.56 -33.70 -0.09
CA GLN C 140 -8.69 -34.45 0.39
C GLN C 140 -9.77 -33.54 0.92
N LEU C 141 -9.37 -32.46 1.57
CA LEU C 141 -10.35 -31.54 2.13
C LEU C 141 -10.98 -30.58 1.11
N TYR C 142 -10.21 -30.19 0.09
CA TYR C 142 -10.72 -29.22 -0.89
C TYR C 142 -10.80 -29.65 -2.34
N GLY C 143 -10.32 -30.84 -2.67
CA GLY C 143 -10.34 -31.28 -4.06
C GLY C 143 -11.66 -31.78 -4.62
N GLU C 144 -11.83 -31.68 -5.94
CA GLU C 144 -13.05 -32.14 -6.61
C GLU C 144 -12.83 -33.60 -7.00
N ARG C 145 -13.78 -34.48 -6.68
CA ARG C 145 -13.63 -35.87 -7.06
C ARG C 145 -14.08 -36.02 -8.52
N LEU C 146 -13.75 -37.15 -9.14
CA LEU C 146 -14.15 -37.40 -10.54
C LEU C 146 -15.16 -38.54 -10.56
N ASP C 147 -16.27 -38.39 -11.28
CA ASP C 147 -17.28 -39.45 -11.32
C ASP C 147 -16.79 -40.67 -12.04
N ASP C 148 -16.15 -40.43 -13.18
CA ASP C 148 -15.64 -41.51 -13.98
C ASP C 148 -14.42 -42.20 -13.37
N PHE C 149 -13.72 -41.51 -12.49
CA PHE C 149 -12.56 -42.10 -11.84
C PHE C 149 -12.60 -41.76 -10.35
N PRO C 150 -13.50 -42.42 -9.60
CA PRO C 150 -13.70 -42.23 -8.17
C PRO C 150 -12.45 -42.35 -7.29
N GLU C 151 -11.45 -43.06 -7.79
CA GLU C 151 -10.20 -43.23 -7.06
C GLU C 151 -9.34 -41.94 -7.12
N TYR C 152 -9.60 -41.10 -8.12
CA TYR C 152 -8.89 -39.84 -8.29
C TYR C 152 -9.64 -38.63 -7.77
N ILE C 153 -8.90 -37.62 -7.35
CA ILE C 153 -9.48 -36.41 -6.85
C ILE C 153 -8.61 -35.30 -7.46
N CYS C 154 -9.25 -34.25 -7.96
CA CYS C 154 -8.53 -33.14 -8.56
C CYS C 154 -7.86 -32.30 -7.51
N PHE C 155 -6.74 -31.68 -7.86
CA PHE C 155 -6.02 -30.82 -6.94
C PHE C 155 -6.90 -29.58 -6.72
N PRO C 156 -6.97 -29.09 -5.48
CA PRO C 156 -7.77 -27.91 -5.10
C PRO C 156 -7.56 -26.66 -5.97
N THR C 157 -8.65 -25.99 -6.34
CA THR C 157 -8.55 -24.79 -7.16
C THR C 157 -8.31 -23.58 -6.28
N PRO C 158 -7.89 -22.44 -6.87
CA PRO C 158 -7.66 -21.24 -6.07
C PRO C 158 -8.99 -20.79 -5.45
N GLN C 159 -10.05 -21.06 -6.17
CA GLN C 159 -11.40 -20.74 -5.77
C GLN C 159 -11.87 -21.44 -4.50
N ARG C 160 -11.31 -22.60 -4.21
CA ARG C 160 -11.67 -23.31 -2.99
C ARG C 160 -10.74 -22.87 -1.85
N LEU C 161 -9.44 -22.77 -2.13
CA LEU C 161 -8.47 -22.37 -1.10
C LEU C 161 -8.57 -20.90 -0.68
N ALA C 162 -9.00 -20.04 -1.59
CA ALA C 162 -9.14 -18.62 -1.25
C ALA C 162 -10.21 -18.50 -0.17
N ALA C 163 -11.22 -19.35 -0.28
CA ALA C 163 -12.35 -19.39 0.64
C ALA C 163 -12.08 -20.28 1.86
N ALA C 164 -10.91 -20.90 1.89
CA ALA C 164 -10.58 -21.79 2.98
C ALA C 164 -10.51 -21.07 4.32
N ASP C 165 -10.70 -21.85 5.38
CA ASP C 165 -10.66 -21.36 6.74
C ASP C 165 -9.28 -21.68 7.25
N PRO C 166 -8.45 -20.65 7.51
CA PRO C 166 -7.10 -20.88 8.00
C PRO C 166 -7.02 -21.89 9.14
N GLN C 167 -8.03 -21.91 10.00
CA GLN C 167 -8.03 -22.84 11.10
C GLN C 167 -8.23 -24.27 10.60
N ALA C 168 -8.97 -24.41 9.51
CA ALA C 168 -9.23 -25.70 8.93
C ALA C 168 -7.93 -26.24 8.34
N LEU C 169 -7.24 -25.39 7.59
CA LEU C 169 -5.99 -25.79 6.98
C LEU C 169 -4.95 -26.06 8.05
N LYS C 170 -5.02 -25.30 9.14
CA LYS C 170 -4.11 -25.42 10.25
C LYS C 170 -4.21 -26.79 10.89
N ALA C 171 -5.46 -27.22 11.09
CA ALA C 171 -5.73 -28.51 11.69
C ALA C 171 -5.21 -29.70 10.87
N LEU C 172 -4.70 -29.42 9.67
CA LEU C 172 -4.18 -30.48 8.82
C LEU C 172 -2.71 -30.77 9.16
N GLY C 173 -2.11 -29.92 9.98
CA GLY C 173 -0.73 -30.11 10.36
C GLY C 173 0.24 -29.06 9.84
N MET C 174 -0.16 -27.79 9.90
CA MET C 174 0.70 -26.71 9.42
C MET C 174 0.50 -25.47 10.26
N PRO C 175 1.58 -24.71 10.49
CA PRO C 175 1.48 -23.48 11.28
C PRO C 175 0.42 -22.53 10.71
N LEU C 176 -0.17 -21.70 11.56
CA LEU C 176 -1.20 -20.79 11.08
C LEU C 176 -0.69 -19.95 9.91
N LYS C 177 0.45 -19.29 10.09
CA LYS C 177 1.01 -18.46 9.03
C LYS C 177 1.18 -19.23 7.70
N ARG C 178 1.50 -20.51 7.78
CA ARG C 178 1.67 -21.29 6.57
C ARG C 178 0.34 -21.43 5.80
N ALA C 179 -0.76 -21.60 6.52
CA ALA C 179 -2.07 -21.75 5.90
C ALA C 179 -2.53 -20.41 5.35
N GLU C 180 -2.15 -19.34 6.05
CA GLU C 180 -2.51 -17.98 5.65
C GLU C 180 -1.82 -17.66 4.33
N ALA C 181 -0.72 -18.36 4.07
CA ALA C 181 0.07 -18.21 2.86
C ALA C 181 -0.66 -18.88 1.70
N LEU C 182 -1.15 -20.09 1.93
CA LEU C 182 -1.85 -20.81 0.89
C LEU C 182 -3.00 -19.97 0.43
N ILE C 183 -3.76 -19.48 1.41
CA ILE C 183 -4.92 -18.67 1.10
C ILE C 183 -4.52 -17.47 0.25
N HIS C 184 -3.45 -16.80 0.65
CA HIS C 184 -2.98 -15.64 -0.09
C HIS C 184 -2.61 -16.04 -1.52
N LEU C 185 -1.85 -17.12 -1.65
CA LEU C 185 -1.45 -17.60 -2.95
C LEU C 185 -2.71 -17.83 -3.78
N ALA C 186 -3.69 -18.49 -3.17
CA ALA C 186 -4.96 -18.76 -3.82
C ALA C 186 -5.64 -17.47 -4.33
N ASN C 187 -5.70 -16.46 -3.47
CA ASN C 187 -6.29 -15.19 -3.84
C ASN C 187 -5.51 -14.52 -4.97
N ALA C 188 -4.19 -14.60 -4.88
CA ALA C 188 -3.31 -14.03 -5.89
C ALA C 188 -3.74 -14.61 -7.22
N ALA C 189 -3.87 -15.93 -7.27
CA ALA C 189 -4.28 -16.63 -8.47
C ALA C 189 -5.61 -16.12 -9.01
N LEU C 190 -6.54 -15.82 -8.11
CA LEU C 190 -7.84 -15.32 -8.52
C LEU C 190 -7.77 -13.98 -9.24
N GLU C 191 -6.96 -13.07 -8.73
CA GLU C 191 -6.86 -11.76 -9.35
C GLU C 191 -5.82 -11.73 -10.45
N GLY C 192 -5.16 -12.87 -10.67
CA GLY C 192 -4.15 -12.96 -11.71
C GLY C 192 -2.77 -12.41 -11.42
N THR C 193 -2.45 -12.23 -10.14
CA THR C 193 -1.16 -11.70 -9.73
C THR C 193 -0.10 -12.78 -9.44
N LEU C 194 -0.38 -14.01 -9.85
CA LEU C 194 0.54 -15.13 -9.68
C LEU C 194 0.87 -15.59 -11.10
N PRO C 195 2.10 -15.35 -11.56
CA PRO C 195 2.56 -15.74 -12.89
C PRO C 195 2.38 -17.22 -13.14
N MET C 196 1.53 -17.59 -14.08
CA MET C 196 1.26 -18.99 -14.38
C MET C 196 2.16 -19.50 -15.51
N THR C 197 2.95 -18.57 -16.05
CA THR C 197 3.84 -18.83 -17.17
C THR C 197 5.12 -18.05 -16.92
N ILE C 198 6.26 -18.64 -17.26
CA ILE C 198 7.55 -17.96 -17.06
C ILE C 198 7.52 -16.52 -17.60
N PRO C 199 7.68 -15.53 -16.70
CA PRO C 199 7.68 -14.09 -16.97
C PRO C 199 8.98 -13.54 -17.58
N GLY C 200 8.84 -12.52 -18.41
CA GLY C 200 10.01 -11.92 -19.05
C GLY C 200 11.23 -11.80 -18.16
N ASP C 201 11.07 -11.16 -17.00
CA ASP C 201 12.16 -10.96 -16.06
C ASP C 201 12.00 -11.87 -14.85
N VAL C 202 12.43 -13.11 -14.98
CA VAL C 202 12.31 -14.07 -13.88
C VAL C 202 12.73 -13.45 -12.54
N GLU C 203 13.83 -12.70 -12.57
CA GLU C 203 14.37 -12.08 -11.37
C GLU C 203 13.42 -11.11 -10.67
N GLN C 204 12.89 -10.16 -11.44
CA GLN C 204 11.97 -9.18 -10.90
C GLN C 204 10.72 -9.91 -10.44
N ALA C 205 10.28 -10.86 -11.24
CA ALA C 205 9.10 -11.66 -10.92
C ALA C 205 9.28 -12.25 -9.53
N MET C 206 10.39 -12.95 -9.34
CA MET C 206 10.66 -13.56 -8.05
C MET C 206 10.74 -12.58 -6.91
N LYS C 207 11.33 -11.41 -7.17
CA LYS C 207 11.47 -10.41 -6.12
C LYS C 207 10.07 -10.00 -5.65
N THR C 208 9.14 -9.96 -6.59
CA THR C 208 7.76 -9.60 -6.31
C THR C 208 7.02 -10.72 -5.56
N LEU C 209 7.41 -11.96 -5.80
CA LEU C 209 6.77 -13.05 -5.10
C LEU C 209 7.13 -12.98 -3.63
N GLN C 210 8.37 -12.62 -3.35
CA GLN C 210 8.83 -12.57 -1.97
C GLN C 210 8.07 -11.59 -1.11
N THR C 211 7.33 -10.70 -1.77
CA THR C 211 6.53 -9.70 -1.09
C THR C 211 5.26 -10.36 -0.58
N PHE C 212 4.98 -11.56 -1.10
CA PHE C 212 3.81 -12.34 -0.69
C PHE C 212 4.04 -12.90 0.71
N PRO C 213 3.01 -12.87 1.55
CA PRO C 213 3.19 -13.42 2.89
C PRO C 213 3.50 -14.90 2.72
N GLY C 214 4.47 -15.40 3.48
CA GLY C 214 4.85 -16.79 3.40
C GLY C 214 5.92 -17.17 2.38
N ILE C 215 6.19 -16.31 1.43
CA ILE C 215 7.21 -16.66 0.46
C ILE C 215 8.52 -15.94 0.72
N GLY C 216 9.58 -16.73 0.90
CA GLY C 216 10.90 -16.19 1.16
C GLY C 216 11.71 -16.38 -0.11
N ARG C 217 13.04 -16.39 0.00
CA ARG C 217 13.92 -16.55 -1.17
C ARG C 217 13.92 -17.97 -1.71
N TRP C 218 13.94 -18.95 -0.82
CA TRP C 218 13.95 -20.36 -1.22
C TRP C 218 12.69 -20.74 -2.00
N THR C 219 11.53 -20.50 -1.40
CA THR C 219 10.27 -20.83 -2.03
C THR C 219 10.11 -20.12 -3.37
N ALA C 220 10.53 -18.86 -3.42
CA ALA C 220 10.43 -18.07 -4.63
C ALA C 220 11.36 -18.64 -5.73
N ASN C 221 12.46 -19.26 -5.34
CA ASN C 221 13.35 -19.85 -6.33
C ASN C 221 12.83 -21.21 -6.79
N TYR C 222 12.45 -22.05 -5.82
CA TYR C 222 11.95 -23.40 -6.13
C TYR C 222 10.67 -23.29 -6.95
N PHE C 223 9.94 -22.20 -6.75
CA PHE C 223 8.72 -21.98 -7.51
C PHE C 223 9.10 -21.71 -8.96
N ALA C 224 10.02 -20.77 -9.14
CA ALA C 224 10.49 -20.40 -10.47
C ALA C 224 11.06 -21.60 -11.23
N LEU C 225 11.85 -22.39 -10.51
CA LEU C 225 12.46 -23.57 -11.10
C LEU C 225 11.41 -24.58 -11.58
N ARG C 226 10.50 -24.99 -10.70
CA ARG C 226 9.46 -25.96 -11.01
C ARG C 226 8.18 -25.41 -11.68
N GLY C 227 7.73 -24.26 -11.23
CA GLY C 227 6.51 -23.65 -11.75
C GLY C 227 6.62 -22.93 -13.09
N TRP C 228 7.77 -22.32 -13.37
CA TRP C 228 7.95 -21.62 -14.64
C TRP C 228 8.99 -22.38 -15.45
N GLN C 229 9.59 -23.37 -14.81
CA GLN C 229 10.61 -24.17 -15.44
C GLN C 229 11.71 -23.24 -15.89
N ALA C 230 11.94 -22.19 -15.11
CA ALA C 230 13.00 -21.24 -15.42
C ALA C 230 14.25 -22.11 -15.39
N LYS C 231 15.11 -21.95 -16.39
CA LYS C 231 16.30 -22.78 -16.49
C LYS C 231 17.59 -22.24 -15.85
N ASP C 232 17.61 -20.97 -15.51
CA ASP C 232 18.83 -20.41 -14.95
C ASP C 232 18.77 -20.00 -13.50
N VAL C 233 17.96 -20.68 -12.68
CA VAL C 233 17.90 -20.33 -11.28
C VAL C 233 18.68 -21.32 -10.45
N PHE C 234 19.18 -20.88 -9.30
CA PHE C 234 19.96 -21.72 -8.41
C PHE C 234 19.48 -21.48 -6.97
N LEU C 235 19.65 -22.47 -6.09
CA LEU C 235 19.22 -22.35 -4.70
C LEU C 235 20.38 -22.31 -3.70
N PRO C 236 21.18 -21.23 -3.70
CA PRO C 236 22.31 -21.07 -2.80
C PRO C 236 21.98 -21.14 -1.32
N ASP C 237 20.70 -20.95 -0.99
CA ASP C 237 20.25 -20.97 0.41
C ASP C 237 19.42 -22.22 0.73
N ASP C 238 19.51 -23.21 -0.13
CA ASP C 238 18.80 -24.47 0.06
C ASP C 238 19.57 -25.32 1.07
N TYR C 239 18.89 -26.26 1.71
CA TYR C 239 19.51 -27.13 2.70
C TYR C 239 20.64 -27.97 2.12
N LEU C 240 20.27 -29.06 1.44
CA LEU C 240 21.23 -29.95 0.83
C LEU C 240 22.35 -29.16 0.13
N ILE C 241 21.97 -28.17 -0.69
CA ILE C 241 22.96 -27.36 -1.38
C ILE C 241 23.99 -26.82 -0.39
N LYS C 242 23.55 -26.30 0.73
CA LYS C 242 24.46 -25.77 1.72
C LYS C 242 25.51 -26.82 2.06
N GLN C 243 25.08 -28.08 2.10
CA GLN C 243 25.98 -29.20 2.42
C GLN C 243 26.94 -29.46 1.29
N ARG C 244 26.43 -29.33 0.06
CA ARG C 244 27.23 -29.53 -1.14
C ARG C 244 28.37 -28.52 -1.18
N PHE C 245 28.16 -27.41 -0.49
CA PHE C 245 29.14 -26.33 -0.40
C PHE C 245 29.43 -26.04 1.07
N PRO C 246 30.14 -26.95 1.75
CA PRO C 246 30.46 -26.74 3.16
C PRO C 246 31.26 -25.48 3.38
N GLY C 247 30.95 -24.77 4.45
CA GLY C 247 31.67 -23.55 4.79
C GLY C 247 31.40 -22.32 3.94
N MET C 248 30.58 -22.47 2.91
CA MET C 248 30.26 -21.36 2.03
C MET C 248 28.94 -20.70 2.38
N THR C 249 28.95 -19.36 2.42
CA THR C 249 27.76 -18.59 2.73
C THR C 249 27.00 -18.42 1.42
N PRO C 250 25.66 -18.50 1.47
CA PRO C 250 24.84 -18.35 0.28
C PRO C 250 25.49 -17.54 -0.83
N ALA C 251 25.98 -16.36 -0.49
CA ALA C 251 26.61 -15.48 -1.48
C ALA C 251 27.80 -16.13 -2.17
N GLN C 252 28.58 -16.88 -1.41
CA GLN C 252 29.76 -17.54 -1.96
C GLN C 252 29.30 -18.57 -2.97
N ILE C 253 28.54 -19.56 -2.49
CA ILE C 253 27.97 -20.61 -3.31
C ILE C 253 27.48 -19.99 -4.61
N ARG C 254 26.57 -19.04 -4.43
CA ARG C 254 25.94 -18.27 -5.50
C ARG C 254 26.89 -17.57 -6.47
N ARG C 255 28.04 -17.12 -5.98
CA ARG C 255 29.01 -16.46 -6.85
C ARG C 255 29.66 -17.56 -7.65
N TYR C 256 29.79 -18.72 -7.01
CA TYR C 256 30.38 -19.90 -7.62
C TYR C 256 29.55 -20.38 -8.82
N ALA C 257 28.25 -20.53 -8.58
CA ALA C 257 27.30 -21.00 -9.60
C ALA C 257 27.25 -20.13 -10.85
N GLU C 258 27.59 -18.85 -10.72
CA GLU C 258 27.56 -17.95 -11.87
C GLU C 258 28.26 -18.61 -13.05
N ARG C 259 29.20 -19.49 -12.74
CA ARG C 259 29.98 -20.20 -13.74
C ARG C 259 29.11 -21.10 -14.58
N TRP C 260 27.85 -21.24 -14.19
CA TRP C 260 26.94 -22.09 -14.91
C TRP C 260 25.89 -21.42 -15.76
N LYS C 261 25.81 -20.08 -15.70
CA LYS C 261 24.82 -19.37 -16.51
C LYS C 261 24.89 -19.90 -17.94
N PRO C 262 23.74 -20.04 -18.63
CA PRO C 262 22.39 -19.74 -18.15
C PRO C 262 21.62 -21.02 -17.87
N TRP C 263 22.33 -22.09 -17.51
CA TRP C 263 21.70 -23.36 -17.25
C TRP C 263 21.84 -23.74 -15.78
N ARG C 264 21.86 -22.71 -14.94
CA ARG C 264 22.01 -22.93 -13.52
C ARG C 264 20.98 -23.88 -12.91
N SER C 265 19.75 -23.85 -13.41
CA SER C 265 18.73 -24.75 -12.88
C SER C 265 19.18 -26.18 -13.08
N TYR C 266 19.64 -26.51 -14.28
CA TYR C 266 20.12 -27.86 -14.59
C TYR C 266 21.32 -28.15 -13.68
N ALA C 267 22.23 -27.20 -13.62
CA ALA C 267 23.39 -27.38 -12.76
C ALA C 267 22.87 -27.84 -11.41
N LEU C 268 22.09 -27.00 -10.74
CA LEU C 268 21.56 -27.34 -9.43
C LEU C 268 21.11 -28.78 -9.33
N LEU C 269 20.38 -29.23 -10.34
CA LEU C 269 19.88 -30.60 -10.34
C LEU C 269 21.00 -31.63 -10.20
N HIS C 270 21.97 -31.57 -11.10
CA HIS C 270 23.07 -32.50 -11.05
C HIS C 270 23.75 -32.42 -9.68
N ILE C 271 24.29 -31.27 -9.29
CA ILE C 271 24.96 -31.16 -7.99
C ILE C 271 24.12 -31.79 -6.86
N TRP C 272 22.80 -31.67 -6.97
CA TRP C 272 21.87 -32.22 -5.99
C TRP C 272 21.89 -33.73 -5.99
N TYR C 273 21.85 -34.31 -7.19
CA TYR C 273 21.84 -35.74 -7.37
C TYR C 273 23.21 -36.36 -7.68
N THR C 274 24.26 -35.70 -7.21
CA THR C 274 25.63 -36.17 -7.35
C THR C 274 26.12 -36.10 -5.92
N GLU C 275 25.86 -37.16 -5.17
CA GLU C 275 26.21 -37.25 -3.75
C GLU C 275 27.64 -36.87 -3.40
N GLY C 276 28.59 -37.37 -4.19
CA GLY C 276 30.00 -37.08 -3.93
C GLY C 276 30.38 -35.62 -4.07
N TRP C 277 30.11 -35.06 -5.25
CA TRP C 277 30.42 -33.67 -5.60
C TRP C 277 30.89 -32.74 -4.49
N GLN C 278 31.85 -31.91 -4.85
CA GLN C 278 32.44 -30.94 -3.96
C GLN C 278 33.03 -29.87 -4.87
N PRO C 279 33.07 -28.61 -4.41
CA PRO C 279 33.61 -27.52 -5.21
C PRO C 279 35.11 -27.66 -5.48
N ASP C 280 35.67 -26.66 -6.13
CA ASP C 280 37.10 -26.65 -6.42
C ASP C 280 37.67 -25.52 -5.58
N GLU C 281 38.23 -25.88 -4.43
CA GLU C 281 38.82 -24.91 -3.51
C GLU C 281 40.03 -24.22 -4.12
N ALA C 282 39.80 -23.53 -5.24
CA ALA C 282 40.83 -22.80 -5.97
C ALA C 282 40.38 -21.38 -6.28
N MET D 1 4.66 39.37 30.55
CA MET D 1 5.15 39.03 31.91
C MET D 1 4.32 37.95 32.63
N TYR D 2 4.16 36.79 31.98
CA TYR D 2 3.40 35.65 32.54
C TYR D 2 4.32 34.86 33.46
N THR D 3 3.79 33.83 34.10
CA THR D 3 4.64 33.03 34.98
C THR D 3 4.20 31.57 35.13
N LEU D 4 5.18 30.66 35.18
CA LEU D 4 4.95 29.22 35.28
C LEU D 4 5.72 28.52 36.40
N ASN D 5 5.09 27.53 37.02
CA ASN D 5 5.68 26.78 38.14
C ASN D 5 6.56 25.61 37.74
N TRP D 6 7.41 25.20 38.69
CA TRP D 6 8.27 24.05 38.51
C TRP D 6 8.61 23.52 39.89
N GLN D 7 8.79 22.22 39.99
CA GLN D 7 9.08 21.57 41.25
C GLN D 7 10.61 21.45 41.32
N PRO D 8 11.20 21.80 42.47
CA PRO D 8 12.65 21.75 42.67
C PRO D 8 13.19 20.40 43.12
N PRO D 9 14.51 20.18 42.97
CA PRO D 9 15.50 21.11 42.42
C PRO D 9 15.44 21.24 40.90
N TYR D 10 16.17 22.20 40.35
CA TYR D 10 16.19 22.41 38.92
C TYR D 10 17.54 22.98 38.53
N ASP D 11 18.40 22.17 37.93
CA ASP D 11 19.71 22.65 37.52
C ASP D 11 19.60 23.57 36.33
N TRP D 12 19.36 24.85 36.61
CA TRP D 12 19.21 25.84 35.55
C TRP D 12 20.48 26.07 34.74
N SER D 13 21.61 25.97 35.43
CA SER D 13 22.91 26.15 34.80
C SER D 13 23.03 25.10 33.70
N TRP D 14 22.86 23.84 34.10
CA TRP D 14 22.96 22.70 33.19
C TRP D 14 22.07 22.83 31.97
N MET D 15 20.83 23.27 32.19
CA MET D 15 19.85 23.42 31.12
C MET D 15 20.28 24.48 30.12
N LEU D 16 20.43 25.71 30.61
CA LEU D 16 20.85 26.82 29.78
C LEU D 16 22.13 26.44 29.05
N GLY D 17 23.07 25.87 29.81
CA GLY D 17 24.33 25.45 29.23
C GLY D 17 24.04 24.61 28.02
N PHE D 18 23.24 23.57 28.21
CA PHE D 18 22.86 22.65 27.13
C PHE D 18 22.20 23.35 25.95
N LEU D 19 21.41 24.38 26.24
CA LEU D 19 20.74 25.14 25.19
C LEU D 19 21.66 26.13 24.47
N ALA D 20 22.65 26.63 25.20
CA ALA D 20 23.60 27.59 24.66
C ALA D 20 24.50 26.97 23.61
N ALA D 21 25.02 25.78 23.92
CA ALA D 21 25.91 25.07 23.00
C ALA D 21 25.26 24.80 21.65
N ARG D 22 23.96 24.56 21.67
CA ARG D 22 23.22 24.25 20.45
C ARG D 22 22.39 25.42 19.92
N ALA D 23 22.55 26.59 20.55
CA ALA D 23 21.85 27.81 20.18
C ALA D 23 22.16 28.25 18.77
N VAL D 24 21.12 28.62 18.03
CA VAL D 24 21.27 29.06 16.65
C VAL D 24 21.14 30.59 16.54
N SER D 25 22.23 31.23 16.05
CA SER D 25 22.31 32.69 15.91
C SER D 25 21.13 33.34 15.19
N SER D 26 20.70 34.48 15.73
CA SER D 26 19.58 35.25 15.17
C SER D 26 18.26 34.65 15.65
N VAL D 27 18.29 33.34 15.90
CA VAL D 27 17.13 32.59 16.37
C VAL D 27 17.04 32.52 17.89
N GLU D 28 18.16 32.19 18.54
CA GLU D 28 18.20 32.06 19.99
C GLU D 28 19.28 32.87 20.70
N THR D 29 19.01 33.28 21.94
CA THR D 29 19.95 34.02 22.78
C THR D 29 19.95 33.30 24.12
N VAL D 30 21.13 32.89 24.60
CA VAL D 30 21.19 32.19 25.87
C VAL D 30 22.21 32.78 26.83
N ALA D 31 21.74 33.55 27.82
CA ALA D 31 22.60 34.15 28.82
C ALA D 31 22.46 33.31 30.07
N ASP D 32 23.36 33.46 31.03
CA ASP D 32 23.27 32.63 32.22
C ASP D 32 22.11 32.94 33.15
N SER D 33 21.32 33.94 32.81
CA SER D 33 20.19 34.29 33.66
C SER D 33 18.86 34.28 32.93
N TYR D 34 18.90 34.08 31.61
CA TYR D 34 17.67 34.07 30.82
C TYR D 34 17.88 33.48 29.43
N TYR D 35 16.79 32.96 28.86
CA TYR D 35 16.80 32.37 27.52
C TYR D 35 15.76 33.13 26.73
N ALA D 36 16.05 33.42 25.47
CA ALA D 36 15.12 34.16 24.62
C ALA D 36 15.28 33.73 23.17
N ARG D 37 14.19 33.69 22.42
CA ARG D 37 14.29 33.29 21.02
C ARG D 37 13.14 33.81 20.17
N SER D 38 13.24 33.60 18.86
CA SER D 38 12.20 34.04 17.95
C SER D 38 11.19 32.89 17.88
N LEU D 39 9.92 33.24 17.94
CA LEU D 39 8.88 32.23 17.91
C LEU D 39 7.78 32.57 16.91
N ALA D 40 7.18 31.54 16.33
CA ALA D 40 6.11 31.71 15.36
C ALA D 40 5.01 30.66 15.58
N VAL D 41 3.78 31.11 15.81
CA VAL D 41 2.67 30.19 15.98
C VAL D 41 1.70 30.47 14.84
N GLY D 42 1.90 29.74 13.74
CA GLY D 42 1.06 29.93 12.58
C GLY D 42 1.54 31.16 11.85
N GLU D 43 0.78 32.24 11.95
CA GLU D 43 1.14 33.48 11.30
C GLU D 43 1.41 34.55 12.34
N TYR D 44 1.36 34.17 13.60
CA TYR D 44 1.63 35.12 14.67
C TYR D 44 3.13 34.98 14.98
N ARG D 45 3.82 36.11 15.15
CA ARG D 45 5.25 36.08 15.43
C ARG D 45 5.69 37.09 16.47
N GLY D 46 6.83 36.82 17.09
CA GLY D 46 7.35 37.70 18.10
C GLY D 46 8.62 37.12 18.69
N VAL D 47 8.86 37.38 19.96
CA VAL D 47 10.06 36.89 20.61
C VAL D 47 9.82 36.49 22.06
N VAL D 48 10.17 35.24 22.39
CA VAL D 48 9.97 34.73 23.75
C VAL D 48 11.20 34.99 24.62
N THR D 49 10.95 35.21 25.91
CA THR D 49 12.01 35.47 26.88
C THR D 49 11.66 34.88 28.24
N ALA D 50 12.36 33.82 28.61
CA ALA D 50 12.15 33.14 29.89
C ALA D 50 13.25 33.53 30.86
N ILE D 51 12.85 33.82 32.10
CA ILE D 51 13.79 34.23 33.13
C ILE D 51 13.54 33.46 34.42
N PRO D 52 14.25 32.35 34.61
CA PRO D 52 14.09 31.55 35.82
C PRO D 52 14.22 32.33 37.12
N ASP D 53 13.31 32.07 38.04
CA ASP D 53 13.30 32.72 39.35
C ASP D 53 13.50 31.63 40.39
N ILE D 54 14.77 31.33 40.70
CA ILE D 54 15.11 30.29 41.66
C ILE D 54 14.47 30.50 43.02
N ALA D 55 14.38 31.76 43.45
CA ALA D 55 13.77 32.06 44.74
C ALA D 55 12.36 31.50 44.80
N ARG D 56 11.54 31.96 43.87
CA ARG D 56 10.15 31.56 43.79
C ARG D 56 9.85 30.15 43.24
N HIS D 57 10.84 29.47 42.67
CA HIS D 57 10.62 28.15 42.05
C HIS D 57 9.64 28.49 40.94
N THR D 58 10.03 29.50 40.18
CA THR D 58 9.19 30.03 39.12
C THR D 58 9.95 30.45 37.86
N LEU D 59 9.29 30.28 36.71
CA LEU D 59 9.83 30.66 35.43
C LEU D 59 8.96 31.77 34.87
N HIS D 60 9.55 32.95 34.73
CA HIS D 60 8.86 34.14 34.22
C HIS D 60 9.01 34.20 32.71
N ILE D 61 7.92 34.53 32.03
CA ILE D 61 8.00 34.60 30.59
C ILE D 61 7.29 35.82 30.06
N ASN D 62 8.03 36.64 29.33
CA ASN D 62 7.45 37.83 28.73
C ASN D 62 7.22 37.51 27.25
N LEU D 63 6.21 38.16 26.69
CA LEU D 63 5.88 37.92 25.30
C LEU D 63 5.78 39.16 24.44
N SER D 64 6.41 39.06 23.28
CA SER D 64 6.37 40.12 22.27
C SER D 64 4.90 40.21 21.88
N ALA D 65 4.32 41.41 21.97
CA ALA D 65 2.92 41.64 21.64
C ALA D 65 2.46 40.92 20.37
N GLY D 66 3.36 40.70 19.42
CA GLY D 66 3.00 40.01 18.19
C GLY D 66 2.65 38.55 18.43
N LEU D 67 2.84 38.09 19.66
CA LEU D 67 2.57 36.71 20.05
C LEU D 67 1.51 36.63 21.16
N GLU D 68 0.94 37.77 21.52
CA GLU D 68 -0.06 37.82 22.58
C GLU D 68 -1.38 37.13 22.27
N PRO D 69 -1.79 37.14 20.99
CA PRO D 69 -3.04 36.48 20.61
C PRO D 69 -2.92 34.99 20.84
N VAL D 70 -1.69 34.50 20.75
CA VAL D 70 -1.42 33.09 20.96
C VAL D 70 -0.47 32.90 22.14
N ALA D 71 -0.75 33.56 23.24
CA ALA D 71 0.12 33.45 24.41
C ALA D 71 0.07 32.05 25.04
N ALA D 72 -1.13 31.50 25.16
CA ALA D 72 -1.34 30.19 25.77
C ALA D 72 -0.51 29.09 25.13
N GLU D 73 -0.53 29.01 23.80
CA GLU D 73 0.23 27.98 23.13
C GLU D 73 1.70 28.27 23.34
N CYS D 74 2.06 29.55 23.33
CA CYS D 74 3.45 29.91 23.54
C CYS D 74 3.91 29.39 24.88
N LEU D 75 3.17 29.73 25.94
CA LEU D 75 3.52 29.27 27.28
C LEU D 75 3.67 27.76 27.31
N ALA D 76 2.84 27.07 26.53
CA ALA D 76 2.86 25.61 26.45
C ALA D 76 4.15 25.12 25.80
N LYS D 77 4.57 25.81 24.74
CA LYS D 77 5.80 25.46 24.02
C LYS D 77 7.04 25.64 24.90
N MET D 78 7.00 26.62 25.78
CA MET D 78 8.13 26.85 26.68
C MET D 78 8.19 25.75 27.73
N SER D 79 7.03 25.37 28.25
CA SER D 79 6.92 24.34 29.28
C SER D 79 7.40 23.01 28.76
N ARG D 80 7.25 22.80 27.45
CA ARG D 80 7.72 21.56 26.84
C ARG D 80 9.24 21.65 26.66
N LEU D 81 9.71 22.86 26.33
CA LEU D 81 11.13 23.07 26.16
C LEU D 81 11.87 22.90 27.47
N PHE D 82 11.31 23.40 28.55
CA PHE D 82 12.02 23.32 29.82
C PHE D 82 11.67 22.16 30.73
N ASP D 83 10.75 21.31 30.29
CA ASP D 83 10.35 20.13 31.07
C ASP D 83 9.77 20.53 32.41
N LEU D 84 8.84 21.47 32.39
CA LEU D 84 8.24 21.97 33.62
C LEU D 84 7.36 21.01 34.42
N GLN D 85 6.98 19.89 33.83
CA GLN D 85 6.14 18.91 34.52
C GLN D 85 6.90 17.99 35.46
N CYS D 86 8.17 17.80 35.15
CA CYS D 86 9.02 16.91 35.91
C CYS D 86 8.97 16.99 37.43
N ASN D 87 8.63 15.88 38.07
CA ASN D 87 8.63 15.79 39.53
C ASN D 87 9.88 14.97 39.77
N PRO D 88 11.03 15.66 39.93
CA PRO D 88 12.34 15.03 40.16
C PRO D 88 12.38 14.07 41.33
N GLN D 89 11.58 14.36 42.33
CA GLN D 89 11.51 13.50 43.50
C GLN D 89 11.02 12.12 43.05
N ILE D 90 10.32 12.06 41.92
CA ILE D 90 9.83 10.78 41.41
C ILE D 90 10.87 10.12 40.52
N VAL D 91 11.39 10.88 39.55
CA VAL D 91 12.38 10.33 38.66
C VAL D 91 13.62 9.80 39.42
N ASN D 92 14.21 10.66 40.24
CA ASN D 92 15.40 10.28 41.01
C ASN D 92 15.16 9.19 42.00
N GLY D 93 13.96 9.14 42.54
CA GLY D 93 13.67 8.07 43.49
C GLY D 93 13.73 6.77 42.72
N ALA D 94 13.46 6.87 41.42
CA ALA D 94 13.44 5.73 40.51
C ALA D 94 14.80 5.30 40.02
N LEU D 95 15.65 6.27 39.68
CA LEU D 95 17.00 5.93 39.19
C LEU D 95 17.96 5.76 40.35
N GLY D 96 17.54 6.18 41.53
CA GLY D 96 18.42 6.06 42.68
C GLY D 96 19.72 6.84 42.50
N ARG D 97 20.82 6.11 42.41
CA ARG D 97 22.17 6.67 42.29
C ARG D 97 22.53 7.43 41.02
N LEU D 98 22.31 6.80 39.87
CA LEU D 98 22.62 7.41 38.58
C LEU D 98 22.28 8.92 38.54
N GLY D 99 21.18 9.28 39.20
CA GLY D 99 20.77 10.67 39.22
C GLY D 99 20.96 11.40 40.52
N ALA D 100 21.69 10.80 41.45
CA ALA D 100 21.93 11.40 42.75
C ALA D 100 22.74 12.69 42.69
N ALA D 101 23.69 12.76 41.77
CA ALA D 101 24.53 13.94 41.67
C ALA D 101 23.90 15.13 40.95
N ARG D 102 22.99 14.89 40.02
CA ARG D 102 22.40 16.01 39.30
C ARG D 102 20.90 15.88 39.39
N PRO D 103 20.36 15.92 40.62
CA PRO D 103 18.92 15.82 40.86
C PRO D 103 18.08 16.88 40.17
N GLY D 104 18.71 17.98 39.78
CA GLY D 104 17.99 19.07 39.12
C GLY D 104 17.93 18.97 37.60
N LEU D 105 18.37 17.85 37.05
CA LEU D 105 18.37 17.59 35.61
C LEU D 105 16.95 17.61 35.03
N ARG D 106 16.82 18.07 33.79
CA ARG D 106 15.54 18.11 33.07
C ARG D 106 15.81 17.69 31.62
N LEU D 107 14.78 17.27 30.89
CA LEU D 107 14.96 16.89 29.51
C LEU D 107 14.79 18.16 28.68
N PRO D 108 15.81 18.56 27.91
CA PRO D 108 15.72 19.77 27.09
C PRO D 108 14.85 19.43 25.91
N GLY D 109 13.67 20.03 25.85
CA GLY D 109 12.75 19.75 24.76
C GLY D 109 12.95 20.67 23.57
N CYS D 110 11.85 21.04 22.94
CA CYS D 110 11.93 21.93 21.81
C CYS D 110 10.69 22.78 21.78
N VAL D 111 10.73 23.80 20.94
CA VAL D 111 9.64 24.73 20.79
C VAL D 111 8.67 24.27 19.68
N ASP D 112 9.15 23.41 18.80
CA ASP D 112 8.34 22.90 17.68
C ASP D 112 8.96 21.59 17.21
N ALA D 113 8.18 20.53 17.16
CA ALA D 113 8.69 19.23 16.76
C ALA D 113 9.29 19.21 15.35
N PHE D 114 8.77 20.02 14.43
CA PHE D 114 9.33 20.05 13.08
C PHE D 114 10.73 20.62 13.15
N GLU D 115 10.87 21.79 13.77
CA GLU D 115 12.17 22.45 13.94
C GLU D 115 13.17 21.48 14.52
N GLN D 116 12.77 20.78 15.58
CA GLN D 116 13.63 19.83 16.26
C GLN D 116 13.98 18.68 15.31
N GLY D 117 13.10 18.39 14.36
CA GLY D 117 13.40 17.31 13.42
C GLY D 117 14.55 17.76 12.53
N VAL D 118 14.39 18.95 11.96
CA VAL D 118 15.41 19.55 11.11
C VAL D 118 16.72 19.54 11.88
N ARG D 119 16.66 20.03 13.11
CA ARG D 119 17.82 20.09 13.96
C ARG D 119 18.48 18.75 14.20
N ALA D 120 17.66 17.71 14.31
CA ALA D 120 18.19 16.38 14.55
C ALA D 120 19.01 15.95 13.35
N ILE D 121 18.40 16.08 12.17
CA ILE D 121 19.04 15.70 10.94
C ILE D 121 20.34 16.46 10.75
N LEU D 122 20.28 17.79 10.80
CA LEU D 122 21.47 18.60 10.66
C LEU D 122 22.49 18.34 11.79
N GLY D 123 22.10 17.48 12.74
CA GLY D 123 22.99 17.17 13.83
C GLY D 123 23.73 15.87 13.57
N GLN D 124 23.37 15.21 12.49
CA GLN D 124 23.99 13.93 12.09
C GLN D 124 25.47 13.99 11.76
N LEU D 125 26.24 13.12 12.42
CA LEU D 125 27.66 13.00 12.15
C LEU D 125 28.50 14.29 12.22
N VAL D 126 28.15 15.22 13.09
CA VAL D 126 28.94 16.45 13.20
C VAL D 126 28.95 16.99 14.63
N SER D 127 29.93 17.85 14.92
CA SER D 127 30.03 18.41 16.25
C SER D 127 28.81 19.27 16.53
N VAL D 128 28.61 19.57 17.81
CA VAL D 128 27.48 20.39 18.18
C VAL D 128 27.66 21.77 17.56
N ALA D 129 28.77 22.42 17.85
CA ALA D 129 29.03 23.74 17.30
C ALA D 129 28.86 23.74 15.79
N MET D 130 29.35 22.67 15.15
CA MET D 130 29.25 22.52 13.70
C MET D 130 27.79 22.67 13.28
N ALA D 131 26.97 21.72 13.74
CA ALA D 131 25.54 21.71 13.44
C ALA D 131 24.83 23.03 13.77
N ALA D 132 25.20 23.67 14.88
CA ALA D 132 24.56 24.92 15.28
C ALA D 132 25.00 26.09 14.40
N LYS D 133 25.83 25.80 13.42
CA LYS D 133 26.29 26.82 12.51
C LYS D 133 25.64 26.48 11.20
N LEU D 134 25.58 25.18 10.90
CA LEU D 134 24.94 24.73 9.67
C LEU D 134 23.51 25.25 9.76
N THR D 135 22.80 24.76 10.78
CA THR D 135 21.43 25.17 11.03
C THR D 135 21.29 26.70 10.93
N ALA D 136 22.07 27.43 11.72
CA ALA D 136 22.01 28.89 11.72
C ALA D 136 21.95 29.46 10.30
N ARG D 137 22.58 28.77 9.36
CA ARG D 137 22.59 29.19 7.95
C ARG D 137 21.19 29.05 7.39
N VAL D 138 20.70 27.82 7.50
CA VAL D 138 19.37 27.49 7.03
C VAL D 138 18.34 28.51 7.53
N ALA D 139 18.40 28.83 8.82
CA ALA D 139 17.47 29.79 9.41
C ALA D 139 17.67 31.18 8.82
N GLN D 140 18.89 31.46 8.36
CA GLN D 140 19.24 32.74 7.76
C GLN D 140 18.70 32.84 6.33
N LEU D 141 18.79 31.73 5.59
CA LEU D 141 18.32 31.71 4.21
C LEU D 141 16.82 31.49 4.00
N TYR D 142 16.20 30.67 4.85
CA TYR D 142 14.77 30.36 4.73
C TYR D 142 13.92 30.86 5.89
N GLY D 143 14.47 31.78 6.68
CA GLY D 143 13.73 32.28 7.82
C GLY D 143 13.00 33.60 7.64
N GLU D 144 11.92 33.76 8.38
CA GLU D 144 11.12 34.97 8.31
C GLU D 144 11.64 35.93 9.38
N ARG D 145 12.35 36.97 8.96
CA ARG D 145 12.85 37.95 9.91
C ARG D 145 11.65 38.64 10.54
N LEU D 146 11.85 39.27 11.69
CA LEU D 146 10.76 39.98 12.36
C LEU D 146 10.92 41.47 12.12
N ASP D 147 9.80 42.20 12.12
CA ASP D 147 9.85 43.63 11.90
C ASP D 147 9.89 44.29 13.26
N ASP D 148 9.19 43.66 14.20
CA ASP D 148 9.11 44.14 15.56
C ASP D 148 10.48 44.04 16.23
N PHE D 149 11.30 43.12 15.73
CA PHE D 149 12.65 42.88 16.26
C PHE D 149 13.48 42.30 15.12
N PRO D 150 13.99 43.17 14.23
CA PRO D 150 14.79 42.73 13.09
C PRO D 150 15.97 41.83 13.48
N GLU D 151 16.45 42.05 14.69
CA GLU D 151 17.58 41.31 15.26
C GLU D 151 17.40 39.79 15.26
N TYR D 152 16.15 39.36 15.42
CA TYR D 152 15.81 37.93 15.45
C TYR D 152 15.23 37.47 14.13
N ILE D 153 15.08 36.15 14.00
CA ILE D 153 14.53 35.57 12.78
C ILE D 153 13.86 34.23 13.08
N CYS D 154 12.67 34.05 12.53
CA CYS D 154 11.90 32.83 12.74
C CYS D 154 12.45 31.62 12.02
N PHE D 155 12.34 30.48 12.69
CA PHE D 155 12.83 29.25 12.10
C PHE D 155 12.07 29.02 10.81
N PRO D 156 12.74 28.46 9.82
CA PRO D 156 12.10 28.18 8.53
C PRO D 156 10.84 27.34 8.69
N THR D 157 9.70 27.84 8.23
CA THR D 157 8.48 27.04 8.32
C THR D 157 8.59 25.93 7.27
N PRO D 158 7.73 24.91 7.35
CA PRO D 158 7.76 23.80 6.40
C PRO D 158 7.41 24.16 4.95
N GLN D 159 6.65 25.23 4.77
CA GLN D 159 6.26 25.67 3.43
C GLN D 159 7.41 26.33 2.68
N ARG D 160 8.24 27.05 3.43
CA ARG D 160 9.40 27.76 2.90
C ARG D 160 10.51 26.75 2.63
N LEU D 161 10.53 25.67 3.40
CA LEU D 161 11.56 24.64 3.25
C LEU D 161 11.07 23.51 2.34
N ALA D 162 9.76 23.36 2.23
CA ALA D 162 9.18 22.32 1.40
C ALA D 162 9.50 22.61 -0.05
N ALA D 163 9.38 23.88 -0.43
CA ALA D 163 9.66 24.32 -1.78
C ALA D 163 11.04 24.94 -1.85
N ALA D 164 12.05 24.13 -1.50
CA ALA D 164 13.43 24.58 -1.52
C ALA D 164 14.24 23.71 -2.48
N ASP D 165 15.28 24.32 -3.06
CA ASP D 165 16.14 23.62 -4.00
C ASP D 165 17.23 22.84 -3.25
N PRO D 166 17.28 21.51 -3.46
CA PRO D 166 18.27 20.64 -2.81
C PRO D 166 19.68 21.23 -2.85
N GLN D 167 20.06 21.72 -4.03
CA GLN D 167 21.36 22.33 -4.24
C GLN D 167 21.46 23.58 -3.39
N ALA D 168 20.37 24.34 -3.36
CA ALA D 168 20.33 25.57 -2.57
C ALA D 168 20.71 25.25 -1.13
N LEU D 169 20.18 24.13 -0.63
CA LEU D 169 20.45 23.68 0.74
C LEU D 169 21.86 23.13 0.86
N LYS D 170 22.17 22.13 0.04
CA LYS D 170 23.48 21.46 0.02
C LYS D 170 24.65 22.45 0.11
N ALA D 171 24.52 23.53 -0.66
CA ALA D 171 25.50 24.60 -0.75
C ALA D 171 25.81 25.32 0.56
N LEU D 172 25.08 24.99 1.63
CA LEU D 172 25.34 25.64 2.90
C LEU D 172 26.17 24.68 3.75
N GLY D 173 26.47 23.51 3.18
CA GLY D 173 27.30 22.53 3.85
C GLY D 173 26.67 21.23 4.34
N MET D 174 26.26 20.36 3.43
CA MET D 174 25.65 19.08 3.84
C MET D 174 25.50 18.18 2.64
N PRO D 175 25.66 16.86 2.81
CA PRO D 175 25.51 15.97 1.65
C PRO D 175 24.22 16.33 0.96
N LEU D 176 24.02 15.89 -0.27
CA LEU D 176 22.78 16.22 -0.94
C LEU D 176 21.65 15.48 -0.23
N LYS D 177 21.90 14.23 0.13
CA LYS D 177 20.90 13.43 0.83
C LYS D 177 20.32 14.17 2.04
N ARG D 178 21.21 14.79 2.81
CA ARG D 178 20.83 15.55 4.00
C ARG D 178 19.86 16.67 3.63
N ALA D 179 20.17 17.41 2.57
CA ALA D 179 19.30 18.49 2.14
C ALA D 179 17.98 17.87 1.70
N GLU D 180 18.06 16.69 1.08
CA GLU D 180 16.86 16.00 0.61
C GLU D 180 15.95 15.60 1.78
N ALA D 181 16.56 15.06 2.84
CA ALA D 181 15.84 14.62 4.03
C ALA D 181 14.99 15.73 4.65
N LEU D 182 15.56 16.94 4.70
CA LEU D 182 14.87 18.09 5.27
C LEU D 182 13.69 18.47 4.40
N ILE D 183 13.84 18.24 3.11
CA ILE D 183 12.81 18.54 2.13
C ILE D 183 11.67 17.56 2.38
N HIS D 184 12.01 16.29 2.60
CA HIS D 184 11.00 15.29 2.86
C HIS D 184 10.30 15.66 4.15
N LEU D 185 11.05 15.63 5.24
CA LEU D 185 10.52 15.99 6.54
C LEU D 185 9.54 17.16 6.44
N ALA D 186 9.96 18.22 5.74
CA ALA D 186 9.15 19.41 5.57
C ALA D 186 7.78 19.08 4.98
N ASN D 187 7.74 18.09 4.09
CA ASN D 187 6.50 17.67 3.44
C ASN D 187 5.54 16.98 4.38
N ALA D 188 6.04 15.98 5.11
CA ALA D 188 5.23 15.24 6.05
C ALA D 188 4.60 16.25 7.00
N ALA D 189 5.33 17.33 7.26
CA ALA D 189 4.88 18.40 8.15
C ALA D 189 3.77 19.29 7.56
N LEU D 190 3.50 19.11 6.28
CA LEU D 190 2.48 19.90 5.61
C LEU D 190 1.20 19.09 5.48
N GLU D 191 1.37 17.77 5.47
CA GLU D 191 0.23 16.87 5.35
C GLU D 191 0.05 16.05 6.63
N GLY D 192 0.46 16.64 7.75
CA GLY D 192 0.33 16.00 9.04
C GLY D 192 0.78 14.55 9.13
N THR D 193 2.00 14.25 8.68
CA THR D 193 2.54 12.90 8.74
C THR D 193 3.61 12.88 9.82
N LEU D 194 4.14 14.06 10.10
CA LEU D 194 5.14 14.19 11.12
C LEU D 194 4.36 14.47 12.40
N PRO D 195 4.37 13.53 13.34
CA PRO D 195 3.67 13.67 14.61
C PRO D 195 4.26 14.86 15.38
N MET D 196 3.49 15.94 15.50
CA MET D 196 3.96 17.13 16.20
C MET D 196 3.83 17.02 17.71
N THR D 197 3.29 15.89 18.19
CA THR D 197 3.13 15.67 19.61
C THR D 197 3.34 14.20 19.94
N ILE D 198 3.81 13.93 21.14
CA ILE D 198 4.07 12.55 21.51
C ILE D 198 2.88 11.65 21.24
N PRO D 199 3.08 10.63 20.40
CA PRO D 199 2.01 9.69 20.06
C PRO D 199 1.77 8.72 21.22
N GLY D 200 0.70 7.95 21.13
CA GLY D 200 0.41 6.99 22.19
C GLY D 200 1.47 5.91 22.22
N ASP D 201 1.77 5.34 21.05
CA ASP D 201 2.75 4.28 20.91
C ASP D 201 4.00 4.91 20.30
N VAL D 202 4.97 5.23 21.15
CA VAL D 202 6.19 5.86 20.68
C VAL D 202 7.14 4.93 19.94
N GLU D 203 6.99 3.62 20.15
CA GLU D 203 7.84 2.69 19.45
C GLU D 203 7.38 2.67 18.00
N GLN D 204 6.07 2.48 17.83
CA GLN D 204 5.48 2.45 16.50
C GLN D 204 5.83 3.74 15.75
N ALA D 205 5.52 4.87 16.38
CA ALA D 205 5.77 6.17 15.79
C ALA D 205 7.19 6.26 15.27
N MET D 206 8.15 5.84 16.08
CA MET D 206 9.54 5.89 15.67
C MET D 206 9.83 4.97 14.48
N LYS D 207 9.35 3.74 14.55
CA LYS D 207 9.54 2.78 13.48
C LYS D 207 9.08 3.41 12.18
N THR D 208 7.86 3.96 12.20
CA THR D 208 7.35 4.62 11.02
C THR D 208 8.39 5.65 10.59
N LEU D 209 8.65 6.60 11.47
CA LEU D 209 9.63 7.65 11.22
C LEU D 209 10.82 7.18 10.43
N GLN D 210 11.37 6.04 10.84
CA GLN D 210 12.55 5.49 10.20
C GLN D 210 12.44 5.27 8.69
N THR D 211 11.21 5.19 8.19
CA THR D 211 11.03 4.99 6.77
C THR D 211 11.25 6.31 6.04
N PHE D 212 11.37 7.39 6.79
CA PHE D 212 11.61 8.71 6.22
C PHE D 212 13.01 8.84 5.66
N PRO D 213 13.14 9.29 4.39
CA PRO D 213 14.48 9.42 3.84
C PRO D 213 15.38 10.32 4.70
N GLY D 214 16.57 9.83 4.99
CA GLY D 214 17.52 10.58 5.78
C GLY D 214 17.37 10.35 7.27
N ILE D 215 16.54 9.38 7.65
CA ILE D 215 16.32 9.10 9.06
C ILE D 215 16.61 7.66 9.43
N GLY D 216 17.49 7.49 10.40
CA GLY D 216 17.83 6.16 10.88
C GLY D 216 17.38 6.02 12.32
N ARG D 217 17.72 4.90 12.95
CA ARG D 217 17.31 4.71 14.33
C ARG D 217 17.85 5.77 15.27
N TRP D 218 19.08 6.22 15.07
CA TRP D 218 19.62 7.24 15.96
C TRP D 218 18.76 8.49 15.85
N THR D 219 18.53 8.94 14.62
CA THR D 219 17.75 10.15 14.41
C THR D 219 16.32 9.99 14.96
N ALA D 220 15.74 8.80 14.81
CA ALA D 220 14.38 8.54 15.30
C ALA D 220 14.32 8.70 16.82
N ASN D 221 15.24 8.04 17.51
CA ASN D 221 15.30 8.12 18.97
C ASN D 221 15.52 9.53 19.47
N TYR D 222 16.54 10.22 18.95
CA TYR D 222 16.85 11.60 19.36
C TYR D 222 15.65 12.51 19.05
N PHE D 223 14.88 12.15 18.02
CA PHE D 223 13.72 12.94 17.65
C PHE D 223 12.64 12.71 18.71
N ALA D 224 12.37 11.44 19.00
CA ALA D 224 11.39 11.09 20.00
C ALA D 224 11.70 11.77 21.35
N LEU D 225 12.98 11.87 21.67
CA LEU D 225 13.42 12.46 22.92
C LEU D 225 13.19 13.96 23.01
N ARG D 226 13.83 14.72 22.13
CA ARG D 226 13.71 16.18 22.12
C ARG D 226 12.41 16.68 21.50
N GLY D 227 12.03 16.12 20.35
CA GLY D 227 10.82 16.51 19.64
C GLY D 227 9.50 16.21 20.34
N TRP D 228 9.36 14.99 20.84
CA TRP D 228 8.15 14.58 21.54
C TRP D 228 8.31 14.65 23.06
N GLN D 229 9.57 14.71 23.50
CA GLN D 229 9.91 14.76 24.92
C GLN D 229 9.53 13.45 25.61
N ALA D 230 9.63 12.36 24.86
CA ALA D 230 9.33 11.02 25.36
C ALA D 230 10.34 10.69 26.45
N LYS D 231 9.83 10.39 27.63
CA LYS D 231 10.67 10.11 28.80
C LYS D 231 11.31 8.73 28.99
N ASP D 232 11.04 7.76 28.12
CA ASP D 232 11.65 6.44 28.31
C ASP D 232 12.41 5.91 27.10
N VAL D 233 13.12 6.84 26.44
CA VAL D 233 13.92 6.54 25.26
C VAL D 233 15.41 6.52 25.62
N PHE D 234 16.19 5.76 24.85
CA PHE D 234 17.63 5.65 25.06
C PHE D 234 18.26 5.57 23.69
N LEU D 235 19.50 6.06 23.60
CA LEU D 235 20.23 6.08 22.34
C LEU D 235 21.43 5.13 22.37
N PRO D 236 21.20 3.82 22.14
CA PRO D 236 22.31 2.86 22.16
C PRO D 236 23.15 2.94 20.89
N ASP D 237 22.74 3.82 19.99
CA ASP D 237 23.43 4.01 18.71
C ASP D 237 24.20 5.31 18.69
N ASP D 238 24.28 5.96 19.84
CA ASP D 238 24.99 7.22 19.95
C ASP D 238 26.50 7.09 20.17
N TYR D 239 27.21 8.05 19.59
CA TYR D 239 28.66 8.17 19.66
C TYR D 239 29.21 8.05 21.10
N LEU D 240 28.79 8.97 21.96
CA LEU D 240 29.23 8.97 23.34
C LEU D 240 28.76 7.74 24.09
N ILE D 241 27.51 7.36 23.84
CA ILE D 241 26.95 6.19 24.52
C ILE D 241 27.82 4.96 24.27
N LYS D 242 28.35 4.83 23.07
CA LYS D 242 29.24 3.71 22.76
C LYS D 242 30.47 3.78 23.68
N GLN D 243 30.93 5.00 23.93
CA GLN D 243 32.09 5.26 24.77
C GLN D 243 31.80 4.99 26.24
N ARG D 244 30.58 5.32 26.67
CA ARG D 244 30.18 5.11 28.06
C ARG D 244 29.97 3.62 28.33
N PHE D 245 29.67 2.86 27.27
CA PHE D 245 29.45 1.42 27.36
C PHE D 245 30.45 0.74 26.44
N PRO D 246 31.74 0.73 26.83
CA PRO D 246 32.84 0.13 26.07
C PRO D 246 32.61 -1.30 25.60
N GLY D 247 32.98 -1.56 24.35
CA GLY D 247 32.85 -2.89 23.77
C GLY D 247 31.47 -3.50 23.77
N MET D 248 30.48 -2.71 24.17
CA MET D 248 29.11 -3.18 24.19
C MET D 248 28.40 -2.77 22.93
N THR D 249 27.52 -3.64 22.46
CA THR D 249 26.76 -3.39 21.25
C THR D 249 25.38 -2.82 21.53
N PRO D 250 24.84 -2.08 20.55
CA PRO D 250 23.52 -1.45 20.65
C PRO D 250 22.55 -2.29 21.45
N ALA D 251 22.53 -3.58 21.14
CA ALA D 251 21.64 -4.49 21.82
C ALA D 251 22.03 -4.60 23.28
N GLN D 252 23.31 -4.85 23.54
CA GLN D 252 23.79 -4.98 24.92
C GLN D 252 23.44 -3.73 25.72
N ILE D 253 23.77 -2.58 25.16
CA ILE D 253 23.49 -1.32 25.81
C ILE D 253 22.00 -1.25 26.07
N ARG D 254 21.23 -1.28 24.99
CA ARG D 254 19.78 -1.21 25.04
C ARG D 254 19.09 -1.94 26.19
N ARG D 255 19.55 -3.15 26.48
CA ARG D 255 18.96 -3.95 27.54
C ARG D 255 19.59 -3.64 28.88
N TYR D 256 20.77 -3.05 28.87
CA TYR D 256 21.37 -2.69 30.15
C TYR D 256 20.54 -1.49 30.59
N ALA D 257 20.17 -0.71 29.59
CA ALA D 257 19.37 0.49 29.79
C ALA D 257 18.00 0.13 30.33
N GLU D 258 17.57 -1.11 30.10
CA GLU D 258 16.27 -1.59 30.56
C GLU D 258 16.09 -1.46 32.07
N ARG D 259 17.21 -1.36 32.79
CA ARG D 259 17.18 -1.23 34.25
C ARG D 259 16.64 0.10 34.71
N TRP D 260 16.50 1.05 33.79
CA TRP D 260 16.01 2.37 34.15
C TRP D 260 14.59 2.68 33.70
N LYS D 261 13.96 1.75 32.99
CA LYS D 261 12.59 1.96 32.55
C LYS D 261 11.86 2.34 33.84
N PRO D 262 10.86 3.24 33.77
CA PRO D 262 10.29 3.97 32.63
C PRO D 262 10.94 5.34 32.38
N TRP D 263 12.15 5.55 32.89
CA TRP D 263 12.79 6.84 32.73
C TRP D 263 14.12 6.78 31.99
N ARG D 264 14.22 5.90 31.01
CA ARG D 264 15.45 5.76 30.25
C ARG D 264 15.95 7.05 29.59
N SER D 265 15.07 8.03 29.38
CA SER D 265 15.51 9.28 28.75
C SER D 265 16.34 10.09 29.74
N TYR D 266 15.87 10.13 30.99
CA TYR D 266 16.60 10.84 32.02
C TYR D 266 17.93 10.12 32.25
N ALA D 267 17.86 8.80 32.38
CA ALA D 267 19.04 7.97 32.58
C ALA D 267 20.07 8.35 31.52
N LEU D 268 19.59 8.45 30.28
CA LEU D 268 20.44 8.81 29.17
C LEU D 268 21.17 10.12 29.44
N LEU D 269 20.40 11.16 29.70
CA LEU D 269 20.95 12.48 29.97
C LEU D 269 22.00 12.38 31.08
N HIS D 270 21.67 11.70 32.18
CA HIS D 270 22.64 11.56 33.25
C HIS D 270 23.94 10.90 32.77
N ILE D 271 23.84 9.84 31.98
CA ILE D 271 25.05 9.20 31.49
C ILE D 271 25.83 10.09 30.51
N TRP D 272 25.15 10.65 29.52
CA TRP D 272 25.78 11.56 28.54
C TRP D 272 26.60 12.62 29.25
N TYR D 273 25.89 13.49 29.97
CA TYR D 273 26.50 14.59 30.70
C TYR D 273 27.12 14.18 32.06
N THR D 274 27.87 13.08 32.03
CA THR D 274 28.58 12.53 33.18
C THR D 274 29.78 11.76 32.61
N GLU D 275 30.84 12.50 32.33
CA GLU D 275 32.06 11.96 31.77
C GLU D 275 32.80 11.01 32.69
N GLY D 276 33.21 9.87 32.14
CA GLY D 276 33.91 8.89 32.94
C GLY D 276 32.95 7.88 33.55
N TRP D 277 31.69 7.98 33.16
CA TRP D 277 30.71 7.04 33.67
C TRP D 277 31.01 5.73 32.99
N GLN D 278 30.58 4.64 33.60
CA GLN D 278 30.78 3.34 33.03
C GLN D 278 29.80 2.37 33.66
N PRO D 279 29.37 1.37 32.89
CA PRO D 279 28.42 0.38 33.40
C PRO D 279 29.04 -0.45 34.50
N ASP D 280 28.19 -1.09 35.31
CA ASP D 280 28.70 -1.92 36.38
C ASP D 280 29.09 -3.30 35.87
N GLU D 281 29.40 -4.20 36.80
CA GLU D 281 29.78 -5.57 36.48
C GLU D 281 28.56 -6.45 36.67
N ALA D 282 27.41 -5.80 36.86
CA ALA D 282 26.13 -6.49 37.07
C ALA D 282 24.92 -5.66 36.58
#